data_4W5T
#
_entry.id   4W5T
#
_cell.length_a   55.636
_cell.length_b   116.468
_cell.length_c   69.822
_cell.angle_alpha   90.00
_cell.angle_beta   92.33
_cell.angle_gamma   90.00
#
_symmetry.space_group_name_H-M   'P 1 21 1'
#
loop_
_entity.id
_entity.type
_entity.pdbx_description
1 polymer 'Protein argonaute-2'
2 polymer "RNA (5'-R(P*UP*UP*CP*AP*CP*AP*UP*UP*GP*CP*CP*CP*AP*AP*UP*U)-3')"
3 polymer "RNA (5'-R(*AP*CP*AP*UP*GP*UP*GP*AP*AP*A)-3')"
4 non-polymer 'MAGNESIUM ION'
5 non-polymer PHENOL
6 water water
#
loop_
_entity_poly.entity_id
_entity_poly.type
_entity_poly.pdbx_seq_one_letter_code
_entity_poly.pdbx_strand_id
1 'polypeptide(L)'
;MYSGAGPALAPPAPPPPIQGYAFKPPPRPDFGTSGRTIKLQANFFEMDIPKIDIYHYELDIKPEKCPRRVNREIVEHMVQ
HFKTQIFGDRKPVFDGRKNLYTAMPLPIGRDKVELEVTLPGEGKDRIFKVSIKWVSCVSLQALHDALSGRLPSVPFETIQ
ALDVVMRHLPSMRYTPVGRSFFTASEGCSNPLGGGREVWFGFHQSVRPSLWKMMLNIDVSATAFYKAQPVIEFVCEVLDF
KSIEEQQKPLTDSQRVKFTKEIKGLKVEITHCGQMKRKYRVCNVTRRPASHQTFPLQQESGQTVECTVAQYFKDRHKLVL
RYPHLPCLQVGQEQKHTYLPLEVCNIVAGQRCIKKLTDNQTSTMIRATARSAPDRQEEISKLMRSADFNTDPYVREFGIM
VKDEMTDVTGRVLQPPSILYGGRNKAIATPVQGVWDMRNKQFHTGIEIKVWAIACFAPQRQCTEVHLKSFTEQLRKISRD
AGMPIQGQPCFCKYAQGADSVEPMFRHLKNTYAGLQLVVVILPGKTPVYAEVKRVGDTVLGMATQCVQMKNVQRTTPQTL
SNLCLKINVKLGGVNNILLPQGRPPVFQQPVIFLGADVTHPPAGDGKKPSIAAVVGSMDAHPNRYCATVRVQQHRQEIIQ
DLAAMVRELLIQFYKSTRFKPTRIIFYRDGVSEGQFQQVLHHELLAIREACIKLEKDYQPGITFIVVQKRHHTRLFCTDK
NERVGKSGNIPAGTTVDTKITHPTEFDFYLCSHAGIQGTSRPSHYHVLWDDNRFSSDELQILTYQLCHTYVRCTRSVSIP
APAYYAHLVAFRARYHLVDKEHDSAEGSHTSGQSNGRDHQALAKAVQVHQDTLRTMYFA
;
A
2 'polyribonucleotide' UUCACAUUGCCCAAGUCUCUU B
3 'polyribonucleotide' ACAUGUGAAAA D
#
# COMPACT_ATOMS: atom_id res chain seq x y z
N ALA A 22 -16.27 -23.53 -0.83
CA ALA A 22 -15.22 -22.52 -0.86
C ALA A 22 -14.47 -22.52 -2.20
N PHE A 23 -15.20 -22.72 -3.29
CA PHE A 23 -14.56 -22.89 -4.60
C PHE A 23 -14.48 -21.62 -5.44
N LYS A 24 -15.23 -21.58 -6.53
CA LYS A 24 -15.14 -20.49 -7.50
C LYS A 24 -15.96 -19.25 -7.11
N PRO A 25 -15.45 -18.06 -7.46
CA PRO A 25 -16.20 -16.82 -7.22
C PRO A 25 -17.52 -16.85 -7.97
N PRO A 26 -18.55 -16.22 -7.41
CA PRO A 26 -19.87 -16.22 -8.07
C PRO A 26 -19.81 -15.39 -9.35
N PRO A 27 -20.61 -15.78 -10.35
CA PRO A 27 -20.70 -14.99 -11.58
C PRO A 27 -21.38 -13.65 -11.29
N ARG A 28 -21.10 -12.64 -12.10
CA ARG A 28 -21.82 -11.38 -12.02
C ARG A 28 -23.30 -11.68 -12.20
N PRO A 29 -24.14 -11.24 -11.25
CA PRO A 29 -25.57 -11.54 -11.28
C PRO A 29 -26.37 -10.65 -12.25
N ASP A 30 -25.87 -9.45 -12.49
CA ASP A 30 -26.52 -8.46 -13.35
C ASP A 30 -25.64 -7.22 -13.42
N PHE A 31 -26.09 -6.18 -14.11
CA PHE A 31 -25.35 -4.92 -14.10
C PHE A 31 -26.10 -3.85 -13.32
N GLY A 32 -25.37 -2.93 -12.71
CA GLY A 32 -25.98 -1.85 -11.95
C GLY A 32 -26.75 -0.91 -12.86
N THR A 33 -27.87 -0.39 -12.36
CA THR A 33 -28.72 0.51 -13.14
C THR A 33 -28.94 1.83 -12.41
N SER A 34 -28.48 1.90 -11.18
CA SER A 34 -28.73 3.05 -10.33
C SER A 34 -27.83 4.24 -10.65
N GLY A 35 -28.36 5.45 -10.53
CA GLY A 35 -27.56 6.66 -10.66
C GLY A 35 -27.43 7.19 -12.07
N ARG A 36 -27.10 8.47 -12.20
CA ARG A 36 -26.94 9.09 -13.52
C ARG A 36 -25.62 8.71 -14.19
N THR A 37 -25.62 8.67 -15.51
CA THR A 37 -24.43 8.28 -16.26
C THR A 37 -23.38 9.39 -16.33
N ILE A 38 -22.12 8.98 -16.36
CA ILE A 38 -21.02 9.92 -16.56
C ILE A 38 -20.06 9.32 -17.57
N LYS A 39 -19.56 10.14 -18.49
CA LYS A 39 -18.63 9.68 -19.50
C LYS A 39 -17.23 9.68 -18.91
N LEU A 40 -16.55 8.54 -19.02
CA LEU A 40 -15.23 8.39 -18.45
C LEU A 40 -14.20 7.87 -19.44
N GLN A 41 -12.93 8.12 -19.13
CA GLN A 41 -11.83 7.45 -19.80
C GLN A 41 -11.00 6.67 -18.78
N ALA A 42 -10.64 5.44 -19.14
CA ALA A 42 -9.85 4.59 -18.25
C ALA A 42 -8.48 4.34 -18.87
N ASN A 43 -7.46 4.18 -18.01
CA ASN A 43 -6.11 3.94 -18.49
C ASN A 43 -5.90 2.48 -18.87
N PHE A 44 -6.88 1.98 -19.65
CA PHE A 44 -6.88 0.67 -20.24
C PHE A 44 -6.84 0.84 -21.75
N PHE A 45 -5.92 0.14 -22.40
CA PHE A 45 -5.77 0.26 -23.85
C PHE A 45 -6.02 -1.07 -24.55
N GLU A 46 -7.09 -1.14 -25.33
CA GLU A 46 -7.54 -2.39 -25.94
C GLU A 46 -6.44 -3.11 -26.72
N MET A 47 -6.45 -4.43 -26.64
CA MET A 47 -5.48 -5.27 -27.33
C MET A 47 -6.15 -6.14 -28.37
N ASP A 48 -5.52 -6.26 -29.53
CA ASP A 48 -5.94 -7.23 -30.53
C ASP A 48 -5.01 -8.43 -30.42
N ILE A 49 -5.57 -9.56 -30.01
CA ILE A 49 -4.80 -10.80 -29.89
C ILE A 49 -5.21 -11.80 -30.96
N PRO A 50 -4.25 -12.29 -31.76
CA PRO A 50 -4.55 -13.27 -32.82
C PRO A 50 -5.20 -14.54 -32.27
N LYS A 51 -6.01 -15.19 -33.12
CA LYS A 51 -6.59 -16.48 -32.79
C LYS A 51 -5.62 -17.58 -33.21
N ILE A 52 -4.53 -17.73 -32.45
CA ILE A 52 -3.43 -18.61 -32.84
C ILE A 52 -2.83 -19.34 -31.63
N ASP A 53 -2.40 -20.58 -31.82
CA ASP A 53 -1.66 -21.30 -30.78
C ASP A 53 -0.22 -20.82 -30.73
N ILE A 54 0.30 -20.61 -29.52
CA ILE A 54 1.71 -20.30 -29.35
C ILE A 54 2.35 -21.41 -28.52
N TYR A 55 3.67 -21.42 -28.47
CA TYR A 55 4.38 -22.59 -27.98
C TYR A 55 5.23 -22.31 -26.74
N HIS A 56 5.00 -23.10 -25.71
CA HIS A 56 5.60 -22.91 -24.39
C HIS A 56 6.70 -23.95 -24.13
N TYR A 57 7.92 -23.46 -23.96
CA TYR A 57 9.10 -24.28 -23.69
C TYR A 57 9.68 -23.99 -22.31
N GLU A 58 10.19 -25.04 -21.67
CA GLU A 58 10.83 -24.93 -20.35
C GLU A 58 12.33 -24.75 -20.50
N LEU A 59 12.88 -23.80 -19.74
CA LEU A 59 14.32 -23.54 -19.77
C LEU A 59 14.97 -23.76 -18.42
N ASP A 60 16.14 -24.39 -18.43
CA ASP A 60 16.95 -24.53 -17.23
C ASP A 60 18.38 -24.08 -17.54
N ILE A 61 18.84 -23.07 -16.81
CA ILE A 61 20.16 -22.50 -17.06
C ILE A 61 21.08 -22.82 -15.88
N LYS A 62 22.01 -23.75 -16.07
CA LYS A 62 22.95 -24.08 -15.00
C LYS A 62 24.11 -23.09 -14.94
N PRO A 63 24.33 -22.46 -13.78
CA PRO A 63 23.51 -22.60 -12.56
C PRO A 63 22.42 -21.54 -12.45
N GLU A 64 21.25 -21.92 -11.92
CA GLU A 64 20.13 -20.98 -11.78
C GLU A 64 20.23 -20.17 -10.49
N LYS A 65 21.34 -19.46 -10.31
CA LYS A 65 21.51 -18.61 -9.15
C LYS A 65 21.68 -17.17 -9.60
N CYS A 66 22.09 -16.99 -10.84
CA CYS A 66 22.34 -15.66 -11.40
C CYS A 66 21.05 -14.85 -11.56
N PRO A 67 21.16 -13.51 -11.38
CA PRO A 67 20.03 -12.59 -11.51
C PRO A 67 19.19 -12.80 -12.77
N ARG A 68 17.89 -12.57 -12.64
CA ARG A 68 16.94 -12.69 -13.73
C ARG A 68 17.41 -11.97 -15.02
N ARG A 69 17.99 -10.79 -14.85
CA ARG A 69 18.52 -10.01 -15.96
C ARG A 69 19.67 -10.73 -16.67
N VAL A 70 20.59 -11.30 -15.88
CA VAL A 70 21.71 -12.06 -16.45
C VAL A 70 21.19 -13.25 -17.27
N ASN A 71 20.20 -13.93 -16.73
CA ASN A 71 19.50 -14.99 -17.45
C ASN A 71 18.93 -14.50 -18.77
N ARG A 72 18.26 -13.34 -18.72
CA ARG A 72 17.69 -12.71 -19.89
C ARG A 72 18.75 -12.45 -20.95
N GLU A 73 19.92 -12.00 -20.54
CA GLU A 73 21.02 -11.76 -21.48
C GLU A 73 21.49 -13.08 -22.09
N ILE A 74 21.69 -14.06 -21.22
CA ILE A 74 22.09 -15.41 -21.60
C ILE A 74 21.21 -15.93 -22.73
N VAL A 75 19.89 -15.91 -22.51
CA VAL A 75 18.95 -16.32 -23.55
C VAL A 75 19.04 -15.43 -24.77
N GLU A 76 19.12 -14.12 -24.53
CA GLU A 76 19.11 -13.09 -25.57
C GLU A 76 20.14 -13.35 -26.64
N HIS A 77 21.39 -13.54 -26.25
CA HIS A 77 22.39 -13.83 -27.27
C HIS A 77 22.72 -15.32 -27.44
N MET A 78 22.01 -16.16 -26.69
CA MET A 78 21.99 -17.59 -27.02
C MET A 78 21.21 -17.75 -28.32
N VAL A 79 20.08 -17.05 -28.40
CA VAL A 79 19.26 -17.04 -29.61
C VAL A 79 20.08 -16.50 -30.78
N GLN A 80 20.90 -15.49 -30.51
CA GLN A 80 21.77 -14.93 -31.53
C GLN A 80 22.84 -15.94 -31.97
N HIS A 81 23.46 -16.60 -31.00
CA HIS A 81 24.53 -17.54 -31.27
C HIS A 81 24.05 -18.84 -31.92
N PHE A 82 22.83 -19.25 -31.59
CA PHE A 82 22.27 -20.50 -32.12
C PHE A 82 21.16 -20.23 -33.12
N LYS A 83 21.27 -19.11 -33.84
CA LYS A 83 20.25 -18.70 -34.80
C LYS A 83 20.10 -19.70 -35.94
N THR A 84 21.23 -20.21 -36.42
CA THR A 84 21.27 -21.07 -37.59
C THR A 84 20.49 -22.37 -37.43
N GLN A 85 20.82 -23.14 -36.40
CA GLN A 85 20.18 -24.43 -36.18
C GLN A 85 18.71 -24.31 -35.78
N ILE A 86 18.42 -23.45 -34.81
CA ILE A 86 17.09 -23.45 -34.19
C ILE A 86 16.12 -22.38 -34.69
N PHE A 87 16.26 -21.19 -34.15
CA PHE A 87 15.20 -20.24 -34.21
C PHE A 87 14.81 -19.80 -35.61
N GLY A 88 15.78 -19.54 -36.45
CA GLY A 88 15.47 -19.26 -37.84
C GLY A 88 14.43 -18.19 -38.08
N ASP A 89 14.68 -16.98 -37.58
CA ASP A 89 13.74 -15.87 -37.79
C ASP A 89 12.60 -15.87 -36.79
N ARG A 90 12.62 -16.82 -35.85
CA ARG A 90 11.68 -16.85 -34.77
C ARG A 90 12.18 -15.90 -33.70
N LYS A 91 11.32 -15.03 -33.19
CA LYS A 91 11.72 -14.14 -32.10
C LYS A 91 11.06 -14.51 -30.76
N PRO A 92 11.74 -15.33 -29.96
CA PRO A 92 11.19 -15.83 -28.69
C PRO A 92 11.09 -14.76 -27.63
N VAL A 93 10.18 -14.95 -26.68
CA VAL A 93 10.12 -14.09 -25.51
C VAL A 93 10.51 -14.91 -24.28
N PHE A 94 11.06 -14.24 -23.27
CA PHE A 94 11.59 -14.92 -22.10
C PHE A 94 11.10 -14.25 -20.82
N ASP A 95 10.67 -15.06 -19.85
CA ASP A 95 10.13 -14.51 -18.61
C ASP A 95 11.23 -14.14 -17.64
N GLY A 96 12.47 -14.51 -17.98
CA GLY A 96 13.62 -14.15 -17.17
C GLY A 96 14.11 -15.28 -16.28
N ARG A 97 13.33 -16.36 -16.19
CA ARG A 97 13.73 -17.47 -15.34
C ARG A 97 13.72 -18.81 -16.09
N LYS A 98 12.53 -19.37 -16.31
CA LYS A 98 12.44 -20.69 -16.91
C LYS A 98 11.42 -20.81 -18.05
N ASN A 99 10.75 -19.72 -18.40
CA ASN A 99 9.67 -19.77 -19.38
C ASN A 99 10.00 -19.11 -20.71
N LEU A 100 9.85 -19.87 -21.79
CA LEU A 100 10.06 -19.33 -23.13
C LEU A 100 8.84 -19.58 -24.01
N TYR A 101 8.51 -18.60 -24.85
CA TYR A 101 7.35 -18.72 -25.73
C TYR A 101 7.73 -18.37 -27.15
N THR A 102 7.17 -19.08 -28.12
CA THR A 102 7.38 -18.75 -29.53
C THR A 102 6.04 -18.67 -30.28
N ALA A 103 6.04 -17.94 -31.38
CA ALA A 103 4.83 -17.78 -32.18
C ALA A 103 4.57 -19.00 -33.07
N MET A 104 5.64 -19.66 -33.50
CA MET A 104 5.55 -20.90 -34.27
C MET A 104 6.61 -21.89 -33.79
N PRO A 105 6.35 -23.18 -33.87
CA PRO A 105 7.16 -24.17 -33.15
C PRO A 105 8.61 -24.27 -33.59
N LEU A 106 9.46 -24.47 -32.60
CA LEU A 106 10.88 -24.58 -32.77
C LEU A 106 11.26 -25.92 -33.37
N PRO A 107 12.41 -26.03 -34.01
CA PRO A 107 12.79 -27.30 -34.64
C PRO A 107 12.93 -28.48 -33.67
N ILE A 108 13.18 -28.26 -32.40
CA ILE A 108 13.43 -29.35 -31.47
C ILE A 108 12.12 -29.92 -30.94
N GLY A 109 11.77 -31.10 -31.43
CA GLY A 109 10.39 -31.53 -31.45
C GLY A 109 10.75 -32.13 -30.12
N ARG A 110 9.94 -31.82 -29.11
CA ARG A 110 10.07 -32.45 -27.81
C ARG A 110 11.28 -32.70 -26.94
N ASP A 111 12.48 -32.59 -27.50
CA ASP A 111 13.63 -33.14 -26.82
C ASP A 111 14.49 -32.10 -26.19
N LYS A 112 14.74 -32.28 -24.90
CA LYS A 112 15.48 -31.31 -24.14
C LYS A 112 16.82 -31.20 -24.81
N VAL A 113 17.30 -30.00 -25.01
CA VAL A 113 18.54 -29.82 -25.72
C VAL A 113 19.52 -28.99 -24.92
N GLU A 114 20.68 -29.56 -24.59
CA GLU A 114 21.68 -28.81 -23.88
C GLU A 114 22.27 -27.90 -24.89
N LEU A 115 22.43 -26.65 -24.50
CA LEU A 115 23.04 -25.63 -25.33
C LEU A 115 24.17 -24.95 -24.56
N GLU A 116 25.17 -24.50 -25.30
CA GLU A 116 26.38 -23.96 -24.69
C GLU A 116 26.46 -22.46 -24.95
N VAL A 117 26.40 -21.67 -23.88
CA VAL A 117 26.41 -20.22 -24.04
C VAL A 117 27.58 -19.52 -23.32
N THR A 118 28.24 -18.63 -24.06
CA THR A 118 29.35 -17.86 -23.51
C THR A 118 28.92 -16.39 -23.33
N LEU A 119 29.47 -15.74 -22.32
CA LEU A 119 29.10 -14.36 -22.01
C LEU A 119 30.33 -13.47 -21.91
N PRO A 120 30.29 -12.29 -22.56
CA PRO A 120 31.37 -11.30 -22.50
C PRO A 120 31.06 -10.16 -21.52
N ILE A 127 29.93 -20.46 -20.98
CA ILE A 127 30.12 -20.64 -19.55
C ILE A 127 28.86 -21.25 -18.90
N PHE A 128 27.72 -21.13 -19.57
CA PHE A 128 26.47 -21.68 -19.05
C PHE A 128 25.87 -22.75 -19.96
N LYS A 129 25.17 -23.71 -19.36
CA LYS A 129 24.46 -24.73 -20.12
C LYS A 129 22.96 -24.48 -19.99
N VAL A 130 22.28 -24.38 -21.12
CA VAL A 130 20.84 -24.12 -21.12
C VAL A 130 20.07 -25.24 -21.81
N SER A 131 19.17 -25.87 -21.07
CA SER A 131 18.35 -26.94 -21.64
C SER A 131 16.93 -26.46 -21.98
N ILE A 132 16.56 -26.61 -23.25
CA ILE A 132 15.23 -26.24 -23.72
C ILE A 132 14.39 -27.50 -23.96
N LYS A 133 13.25 -27.59 -23.30
CA LYS A 133 12.33 -28.69 -23.52
C LYS A 133 10.93 -28.16 -23.73
N TRP A 134 10.23 -28.73 -24.71
CA TRP A 134 8.84 -28.39 -24.95
C TRP A 134 8.01 -28.65 -23.70
N VAL A 135 7.06 -27.76 -23.43
CA VAL A 135 6.09 -27.98 -22.36
C VAL A 135 4.70 -28.14 -22.95
N SER A 136 4.19 -27.07 -23.55
CA SER A 136 2.79 -27.06 -23.94
C SER A 136 2.44 -26.14 -25.10
N CYS A 137 1.16 -26.15 -25.46
CA CYS A 137 0.60 -25.18 -26.38
C CYS A 137 -0.33 -24.26 -25.62
N VAL A 138 -0.21 -22.96 -25.85
CA VAL A 138 -1.12 -21.99 -25.29
C VAL A 138 -2.05 -21.47 -26.38
N SER A 139 -3.34 -21.75 -26.23
CA SER A 139 -4.32 -21.33 -27.23
C SER A 139 -4.91 -19.97 -26.87
N LEU A 140 -4.71 -19.00 -27.75
CA LEU A 140 -5.26 -17.67 -27.57
C LEU A 140 -6.75 -17.68 -27.92
N GLN A 141 -7.15 -18.67 -28.73
CA GLN A 141 -8.54 -18.88 -29.07
C GLN A 141 -9.35 -19.21 -27.81
N ALA A 142 -8.74 -19.97 -26.90
CA ALA A 142 -9.37 -20.29 -25.62
C ALA A 142 -9.50 -19.03 -24.77
N LEU A 143 -8.60 -18.09 -24.98
CA LEU A 143 -8.68 -16.81 -24.30
C LEU A 143 -9.83 -15.99 -24.83
N HIS A 144 -10.00 -15.96 -26.15
CA HIS A 144 -11.16 -15.32 -26.76
C HIS A 144 -12.44 -15.94 -26.20
N ASP A 145 -12.46 -17.27 -26.12
CA ASP A 145 -13.60 -18.01 -25.60
C ASP A 145 -13.90 -17.68 -24.14
N ALA A 146 -12.84 -17.43 -23.36
CA ALA A 146 -13.01 -17.03 -21.97
C ALA A 146 -13.54 -15.59 -21.85
N LEU A 147 -13.06 -14.71 -22.72
CA LEU A 147 -13.51 -13.31 -22.75
C LEU A 147 -14.99 -13.22 -23.13
N SER A 148 -15.41 -14.12 -24.03
CA SER A 148 -16.82 -14.25 -24.37
C SER A 148 -17.53 -15.10 -23.32
N GLY A 149 -18.69 -15.62 -23.68
CA GLY A 149 -19.45 -16.46 -22.77
C GLY A 149 -18.84 -17.84 -22.57
N ARG A 150 -18.29 -18.44 -23.62
CA ARG A 150 -18.11 -19.90 -23.68
C ARG A 150 -17.27 -20.58 -22.56
N LEU A 151 -16.14 -20.03 -22.14
CA LEU A 151 -15.45 -20.59 -20.97
C LEU A 151 -15.71 -19.82 -19.67
N PRO A 152 -16.03 -20.55 -18.59
CA PRO A 152 -16.33 -19.97 -17.28
C PRO A 152 -15.11 -19.32 -16.64
N SER A 153 -13.93 -19.87 -16.92
CA SER A 153 -12.69 -19.35 -16.37
C SER A 153 -11.81 -18.72 -17.45
N VAL A 154 -10.97 -17.77 -17.04
CA VAL A 154 -9.98 -17.20 -17.93
C VAL A 154 -8.68 -17.99 -17.77
N PRO A 155 -8.17 -18.58 -18.88
CA PRO A 155 -6.97 -19.41 -18.84
C PRO A 155 -5.76 -18.61 -18.38
N PHE A 156 -5.28 -18.88 -17.17
CA PHE A 156 -4.19 -18.11 -16.59
C PHE A 156 -2.92 -18.18 -17.43
N GLU A 157 -2.58 -19.39 -17.88
CA GLU A 157 -1.37 -19.61 -18.68
C GLU A 157 -1.31 -18.68 -19.89
N THR A 158 -2.46 -18.40 -20.46
CA THR A 158 -2.57 -17.52 -21.61
C THR A 158 -2.22 -16.07 -21.25
N ILE A 159 -2.79 -15.59 -20.16
CA ILE A 159 -2.55 -14.24 -19.67
C ILE A 159 -1.08 -14.08 -19.33
N GLN A 160 -0.52 -15.09 -18.68
CA GLN A 160 0.90 -15.10 -18.35
C GLN A 160 1.74 -14.99 -19.62
N ALA A 161 1.39 -15.79 -20.63
CA ALA A 161 2.09 -15.75 -21.91
C ALA A 161 2.08 -14.34 -22.52
N LEU A 162 0.89 -13.76 -22.63
CA LEU A 162 0.74 -12.40 -23.14
C LEU A 162 1.59 -11.40 -22.34
N ASP A 163 1.61 -11.58 -21.03
CA ASP A 163 2.35 -10.68 -20.16
C ASP A 163 3.86 -10.80 -20.40
N VAL A 164 4.33 -12.02 -20.66
CA VAL A 164 5.74 -12.20 -20.95
C VAL A 164 6.08 -11.58 -22.31
N VAL A 165 5.17 -11.74 -23.27
CA VAL A 165 5.34 -11.10 -24.58
C VAL A 165 5.49 -9.59 -24.45
N MET A 166 4.54 -8.96 -23.76
CA MET A 166 4.49 -7.50 -23.67
C MET A 166 5.62 -6.86 -22.87
N ARG A 167 6.25 -7.61 -21.99
CA ARG A 167 7.30 -7.03 -21.16
C ARG A 167 8.69 -7.60 -21.43
N HIS A 168 8.84 -8.29 -22.57
CA HIS A 168 10.13 -8.83 -22.95
C HIS A 168 11.13 -7.71 -23.31
N LEU A 169 10.74 -6.85 -24.25
CA LEU A 169 11.62 -5.76 -24.69
C LEU A 169 11.90 -4.70 -23.61
N PRO A 170 10.84 -4.15 -22.98
CA PRO A 170 11.15 -3.14 -21.95
C PRO A 170 11.92 -3.71 -20.75
N SER A 171 11.94 -5.02 -20.57
CA SER A 171 12.76 -5.63 -19.52
C SER A 171 14.24 -5.48 -19.79
N MET A 172 14.59 -5.31 -21.07
CA MET A 172 15.97 -5.12 -21.47
C MET A 172 16.27 -3.63 -21.66
N ARG A 173 15.33 -2.92 -22.26
CA ARG A 173 15.46 -1.48 -22.51
C ARG A 173 15.48 -0.66 -21.22
N TYR A 174 14.57 -0.96 -20.30
CA TYR A 174 14.45 -0.18 -19.07
C TYR A 174 14.82 -1.01 -17.85
N THR A 175 14.73 -0.38 -16.67
CA THR A 175 14.98 -1.08 -15.43
C THR A 175 13.66 -1.52 -14.81
N PRO A 176 13.38 -2.83 -14.84
CA PRO A 176 12.14 -3.36 -14.29
C PRO A 176 12.09 -3.21 -12.77
N VAL A 177 11.00 -2.65 -12.26
CA VAL A 177 10.71 -2.68 -10.83
C VAL A 177 9.30 -3.20 -10.60
N GLY A 178 9.18 -4.46 -10.20
CA GLY A 178 7.88 -5.08 -10.05
C GLY A 178 7.23 -5.20 -11.42
N ARG A 179 6.00 -4.73 -11.52
CA ARG A 179 5.30 -4.74 -12.81
C ARG A 179 5.54 -3.43 -13.54
N SER A 180 6.53 -2.68 -13.09
CA SER A 180 6.82 -1.38 -13.69
C SER A 180 8.18 -1.32 -14.38
N PHE A 181 8.44 -0.19 -15.03
CA PHE A 181 9.68 0.04 -15.76
C PHE A 181 10.09 1.48 -15.57
N PHE A 182 11.38 1.69 -15.30
CA PHE A 182 11.87 3.03 -15.04
C PHE A 182 13.08 3.36 -15.89
N THR A 183 13.28 4.66 -16.14
CA THR A 183 14.45 5.10 -16.90
C THR A 183 14.80 6.52 -16.52
N ALA A 184 16.06 6.90 -16.66
CA ALA A 184 16.42 8.30 -16.51
C ALA A 184 15.69 9.08 -17.59
N SER A 185 14.97 10.14 -17.20
CA SER A 185 14.23 10.93 -18.17
C SER A 185 15.20 11.79 -18.99
N GLU A 186 15.30 11.49 -20.27
CA GLU A 186 16.28 12.12 -21.14
C GLU A 186 16.02 13.61 -21.34
N GLY A 187 17.01 14.45 -21.04
CA GLY A 187 16.90 15.88 -21.27
C GLY A 187 16.64 16.71 -20.03
N CYS A 188 16.34 16.03 -18.92
CA CYS A 188 16.10 16.72 -17.66
C CYS A 188 16.77 15.98 -16.52
N SER A 189 17.07 16.70 -15.45
CA SER A 189 17.57 16.05 -14.25
C SER A 189 16.69 16.43 -13.07
N ASN A 190 16.44 15.46 -12.21
CA ASN A 190 15.70 15.72 -10.98
C ASN A 190 16.45 15.21 -9.76
N PRO A 191 17.53 15.93 -9.37
CA PRO A 191 18.30 15.54 -8.18
C PRO A 191 17.48 15.62 -6.88
N LEU A 192 17.84 14.79 -5.92
CA LEU A 192 17.21 14.78 -4.61
C LEU A 192 18.28 15.08 -3.57
N GLY A 193 19.53 15.11 -4.00
CA GLY A 193 20.65 15.23 -3.10
C GLY A 193 21.00 13.86 -2.55
N GLY A 194 22.15 13.75 -1.89
CA GLY A 194 22.57 12.49 -1.30
C GLY A 194 22.80 11.40 -2.32
N GLY A 195 23.15 11.80 -3.54
CA GLY A 195 23.45 10.87 -4.61
C GLY A 195 22.23 10.26 -5.28
N ARG A 196 21.06 10.85 -5.03
CA ARG A 196 19.81 10.31 -5.56
C ARG A 196 19.08 11.28 -6.48
N GLU A 197 18.35 10.73 -7.44
CA GLU A 197 17.56 11.52 -8.39
C GLU A 197 16.25 10.81 -8.72
N VAL A 198 15.27 11.56 -9.22
CA VAL A 198 13.98 10.95 -9.55
C VAL A 198 14.02 10.31 -10.92
N TRP A 199 13.64 9.04 -11.01
CA TRP A 199 13.46 8.39 -12.30
C TRP A 199 11.97 8.24 -12.59
N PHE A 200 11.59 8.53 -13.82
CA PHE A 200 10.21 8.34 -14.22
C PHE A 200 10.04 7.03 -14.95
N GLY A 201 8.81 6.51 -14.88
CA GLY A 201 8.47 5.30 -15.60
C GLY A 201 6.98 5.01 -15.62
N PHE A 202 6.64 3.73 -15.76
CA PHE A 202 5.25 3.34 -15.85
C PHE A 202 4.99 1.92 -15.36
N HIS A 203 3.81 1.72 -14.77
CA HIS A 203 3.29 0.38 -14.52
C HIS A 203 2.62 -0.14 -15.79
N GLN A 204 2.86 -1.41 -16.07
CA GLN A 204 2.25 -2.12 -17.19
C GLN A 204 1.70 -3.47 -16.74
N SER A 205 0.45 -3.76 -17.12
CA SER A 205 -0.10 -5.10 -16.88
C SER A 205 -1.15 -5.49 -17.91
N VAL A 206 -1.29 -6.79 -18.16
CA VAL A 206 -2.26 -7.31 -19.10
C VAL A 206 -3.47 -7.83 -18.34
N ARG A 207 -4.67 -7.36 -18.71
CA ARG A 207 -5.88 -7.69 -17.97
C ARG A 207 -7.03 -8.16 -18.84
N PRO A 208 -7.69 -9.25 -18.45
CA PRO A 208 -8.88 -9.71 -19.17
C PRO A 208 -10.01 -8.76 -18.86
N SER A 209 -10.94 -8.59 -19.79
CA SER A 209 -12.05 -7.67 -19.54
C SER A 209 -13.31 -8.15 -20.24
N LEU A 210 -14.40 -7.51 -19.90
CA LEU A 210 -15.71 -7.77 -20.42
C LEU A 210 -15.65 -7.56 -21.93
N TRP A 211 -14.91 -6.57 -22.34
CA TRP A 211 -14.76 -6.24 -23.71
C TRP A 211 -13.60 -6.94 -24.38
N LYS A 212 -12.39 -6.51 -24.13
CA LYS A 212 -11.22 -7.01 -24.82
C LYS A 212 -10.09 -7.27 -23.86
N MET A 213 -9.01 -7.84 -24.34
CA MET A 213 -7.79 -7.78 -23.55
C MET A 213 -7.40 -6.33 -23.42
N MET A 214 -7.08 -5.91 -22.20
CA MET A 214 -6.71 -4.52 -21.93
C MET A 214 -5.26 -4.43 -21.48
N LEU A 215 -4.55 -3.42 -21.97
CA LEU A 215 -3.23 -3.09 -21.45
C LEU A 215 -3.38 -1.93 -20.48
N ASN A 216 -3.22 -2.22 -19.19
CA ASN A 216 -3.26 -1.20 -18.14
C ASN A 216 -1.88 -0.55 -18.00
N ILE A 217 -1.86 0.76 -18.24
CA ILE A 217 -0.65 1.56 -18.20
C ILE A 217 -0.86 2.77 -17.27
N ASP A 218 0.01 2.92 -16.27
CA ASP A 218 -0.07 4.14 -15.45
C ASP A 218 1.33 4.72 -15.31
N VAL A 219 1.45 6.03 -15.14
CA VAL A 219 2.79 6.60 -14.96
C VAL A 219 3.18 6.57 -13.48
N SER A 220 4.48 6.57 -13.22
CA SER A 220 4.97 6.62 -11.86
C SER A 220 6.39 7.15 -11.81
N ALA A 221 6.91 7.31 -10.60
CA ALA A 221 8.28 7.79 -10.40
C ALA A 221 8.85 7.22 -9.12
N THR A 222 10.16 7.07 -9.08
CA THR A 222 10.81 6.57 -7.86
C THR A 222 12.27 7.03 -7.80
N ALA A 223 12.77 7.21 -6.57
CA ALA A 223 14.16 7.63 -6.36
C ALA A 223 15.14 6.55 -6.83
N PHE A 224 16.19 6.94 -7.54
CA PHE A 224 17.26 6.04 -7.99
C PHE A 224 18.60 6.64 -7.59
N TYR A 225 19.64 5.81 -7.51
CA TYR A 225 20.99 6.33 -7.28
C TYR A 225 21.57 6.84 -8.59
N LYS A 226 22.17 8.03 -8.54
CA LYS A 226 22.82 8.61 -9.71
C LYS A 226 23.98 7.74 -10.18
N ALA A 227 24.13 7.63 -11.49
CA ALA A 227 25.31 6.98 -12.06
C ALA A 227 26.48 7.98 -12.09
N GLN A 228 27.18 8.11 -10.97
CA GLN A 228 28.26 9.09 -10.86
C GLN A 228 29.54 8.47 -10.28
N PRO A 229 30.68 9.16 -10.40
CA PRO A 229 31.87 8.72 -9.68
C PRO A 229 31.62 8.67 -8.18
N VAL A 230 32.30 7.77 -7.47
CA VAL A 230 32.11 7.60 -6.05
C VAL A 230 32.58 8.84 -5.29
N ILE A 231 33.57 9.54 -5.83
CA ILE A 231 34.04 10.80 -5.24
C ILE A 231 32.89 11.79 -5.12
N GLU A 232 32.14 11.94 -6.21
CA GLU A 232 30.98 12.83 -6.25
C GLU A 232 29.89 12.37 -5.28
N PHE A 233 29.66 11.07 -5.21
CA PHE A 233 28.72 10.48 -4.25
C PHE A 233 29.10 10.87 -2.82
N VAL A 234 30.39 10.74 -2.52
CA VAL A 234 30.94 11.13 -1.23
C VAL A 234 30.65 12.60 -0.95
N CYS A 235 30.92 13.46 -1.95
CA CYS A 235 30.67 14.88 -1.78
C CYS A 235 29.20 15.19 -1.50
N GLU A 236 28.30 14.47 -2.16
CA GLU A 236 26.88 14.72 -1.97
C GLU A 236 26.39 14.24 -0.61
N VAL A 237 26.89 13.09 -0.18
CA VAL A 237 26.46 12.52 1.10
C VAL A 237 27.05 13.26 2.30
N LEU A 238 28.29 13.69 2.17
CA LEU A 238 28.98 14.38 3.26
C LEU A 238 28.86 15.90 3.14
N ASP A 239 28.04 16.34 2.18
CA ASP A 239 27.76 17.76 1.98
C ASP A 239 29.02 18.60 1.68
N PHE A 240 29.81 18.14 0.72
CA PHE A 240 30.95 18.89 0.23
C PHE A 240 30.58 19.51 -1.12
N LYS A 241 31.01 20.75 -1.36
CA LYS A 241 30.85 21.35 -2.68
C LYS A 241 31.89 20.75 -3.63
N SER A 242 33.01 20.33 -3.05
CA SER A 242 34.06 19.66 -3.78
C SER A 242 34.94 18.93 -2.78
N ILE A 243 35.72 17.97 -3.24
CA ILE A 243 36.75 17.38 -2.38
C ILE A 243 37.83 18.44 -2.13
N GLU A 244 38.76 18.13 -1.23
CA GLU A 244 39.66 19.13 -0.63
C GLU A 244 38.84 20.07 0.24
N GLU A 245 37.88 19.50 0.95
CA GLU A 245 37.37 20.08 2.20
C GLU A 245 37.03 18.97 3.19
N GLN A 246 38.07 18.32 3.72
CA GLN A 246 39.45 18.72 3.45
C GLN A 246 40.30 17.58 2.87
N GLN A 247 41.59 17.87 2.73
CA GLN A 247 42.58 16.87 2.46
C GLN A 247 43.01 16.40 3.82
N LYS A 248 42.09 15.79 4.53
CA LYS A 248 42.46 15.08 5.73
C LYS A 248 41.59 13.88 5.66
N PRO A 249 42.00 12.81 6.46
CA PRO A 249 41.09 11.67 6.40
C PRO A 249 39.79 12.10 6.99
N LEU A 250 38.73 11.39 6.69
CA LEU A 250 37.45 11.76 7.22
C LEU A 250 37.42 11.43 8.68
N THR A 251 36.62 12.17 9.41
CA THR A 251 36.31 11.88 10.78
C THR A 251 35.52 10.59 10.87
N ASP A 252 35.57 9.93 11.99
CA ASP A 252 34.86 8.66 12.13
C ASP A 252 33.37 8.85 11.84
N SER A 253 32.87 10.04 12.17
CA SER A 253 31.47 10.39 11.91
C SER A 253 31.17 10.40 10.41
N GLN A 254 31.99 11.12 9.67
CA GLN A 254 31.86 11.22 8.22
C GLN A 254 31.98 9.84 7.58
N ARG A 255 33.01 9.09 8.00
CA ARG A 255 33.26 7.77 7.44
C ARG A 255 32.12 6.81 7.72
N VAL A 256 31.54 6.88 8.92
CA VAL A 256 30.42 6.00 9.25
C VAL A 256 29.18 6.37 8.45
N LYS A 257 28.91 7.67 8.28
CA LYS A 257 27.76 8.07 7.46
C LYS A 257 27.92 7.60 6.00
N PHE A 258 29.09 7.84 5.43
CA PHE A 258 29.38 7.38 4.07
C PHE A 258 29.26 5.86 3.95
N THR A 259 29.78 5.15 4.95
CA THR A 259 29.67 3.69 5.03
C THR A 259 28.23 3.25 4.96
N LYS A 260 27.38 3.85 5.79
CA LYS A 260 25.98 3.46 5.81
C LYS A 260 25.30 3.80 4.50
N GLU A 261 25.80 4.83 3.82
CA GLU A 261 25.14 5.24 2.57
C GLU A 261 25.52 4.41 1.35
N ILE A 262 26.76 3.95 1.26
CA ILE A 262 27.19 3.21 0.06
C ILE A 262 27.16 1.68 0.21
N LYS A 263 27.12 1.20 1.46
CA LYS A 263 27.09 -0.24 1.71
C LYS A 263 25.91 -0.92 1.02
N GLY A 264 26.22 -1.91 0.18
CA GLY A 264 25.21 -2.66 -0.52
C GLY A 264 25.03 -2.25 -1.97
N LEU A 265 25.52 -1.07 -2.32
CA LEU A 265 25.42 -0.59 -3.70
C LEU A 265 26.49 -1.20 -4.59
N LYS A 266 26.18 -1.30 -5.88
CA LYS A 266 27.15 -1.81 -6.85
C LYS A 266 27.99 -0.68 -7.44
N VAL A 267 29.28 -0.95 -7.64
CA VAL A 267 30.21 -0.01 -8.25
C VAL A 267 30.93 -0.69 -9.41
N GLU A 268 31.54 0.11 -10.29
CA GLU A 268 32.26 -0.46 -11.43
C GLU A 268 33.62 0.20 -11.68
N ILE A 269 34.55 -0.60 -12.21
CA ILE A 269 35.92 -0.12 -12.50
C ILE A 269 36.22 -0.16 -14.00
N THR A 270 37.23 0.60 -14.40
CA THR A 270 37.81 0.51 -15.74
C THR A 270 39.30 0.17 -15.62
N HIS A 271 39.71 -0.96 -16.18
CA HIS A 271 41.11 -1.36 -16.17
C HIS A 271 41.61 -1.69 -17.57
N LYS A 276 34.21 -2.37 -16.74
CA LYS A 276 34.32 -3.79 -17.08
C LYS A 276 33.92 -4.67 -15.88
N ARG A 277 34.50 -4.39 -14.72
CA ARG A 277 34.20 -5.16 -13.52
C ARG A 277 33.17 -4.45 -12.64
N LYS A 278 32.16 -5.22 -12.22
CA LYS A 278 31.12 -4.72 -11.32
C LYS A 278 31.18 -5.47 -9.99
N TYR A 279 31.15 -4.72 -8.89
CA TYR A 279 31.25 -5.30 -7.54
C TYR A 279 30.16 -4.77 -6.63
N ARG A 280 29.79 -5.52 -5.60
CA ARG A 280 28.92 -4.96 -4.59
C ARG A 280 29.76 -4.48 -3.40
N VAL A 281 29.44 -3.32 -2.85
CA VAL A 281 30.21 -2.77 -1.74
C VAL A 281 29.75 -3.34 -0.39
N CYS A 282 30.64 -4.04 0.29
CA CYS A 282 30.31 -4.62 1.57
C CYS A 282 30.87 -3.82 2.76
N ASN A 283 31.90 -3.02 2.51
CA ASN A 283 32.38 -2.13 3.58
C ASN A 283 33.14 -0.89 3.10
N VAL A 284 33.57 -0.08 4.07
CA VAL A 284 34.47 1.02 3.78
C VAL A 284 35.63 0.92 4.77
N THR A 285 36.85 0.83 4.26
CA THR A 285 38.01 0.63 5.11
C THR A 285 38.17 1.78 6.10
N ARG A 286 38.79 1.50 7.23
CA ARG A 286 39.03 2.50 8.26
C ARG A 286 40.23 3.35 7.88
N ARG A 287 41.26 2.69 7.37
CA ARG A 287 42.48 3.37 6.93
C ARG A 287 42.30 4.00 5.56
N PRO A 288 43.03 5.10 5.29
CA PRO A 288 43.12 5.68 3.96
C PRO A 288 43.89 4.76 3.01
N ALA A 289 43.64 4.90 1.71
CA ALA A 289 44.25 4.05 0.68
C ALA A 289 45.78 3.96 0.78
N SER A 290 46.42 5.06 1.15
CA SER A 290 47.86 5.09 1.31
C SER A 290 48.29 4.22 2.49
N HIS A 291 47.47 4.17 3.52
CA HIS A 291 47.79 3.41 4.73
C HIS A 291 47.18 1.99 4.70
N GLN A 292 45.97 1.86 4.13
CA GLN A 292 45.28 0.57 4.10
C GLN A 292 46.07 -0.51 3.37
N THR A 293 46.17 -1.67 4.00
CA THR A 293 47.10 -2.71 3.56
C THR A 293 46.39 -4.06 3.35
N PHE A 294 46.95 -4.90 2.49
CA PHE A 294 46.44 -6.24 2.25
C PHE A 294 47.61 -7.18 1.99
N PRO A 295 47.43 -8.49 2.21
CA PRO A 295 48.53 -9.45 2.03
C PRO A 295 48.76 -9.83 0.56
N LEU A 296 49.88 -9.39 -0.01
CA LEU A 296 50.25 -9.76 -1.37
C LEU A 296 51.08 -11.04 -1.35
N VAL A 304 52.96 -11.02 2.43
CA VAL A 304 53.62 -9.73 2.55
C VAL A 304 52.62 -8.57 2.55
N GLU A 305 52.72 -7.70 3.55
CA GLU A 305 51.90 -6.51 3.66
C GLU A 305 52.18 -5.55 2.50
N CYS A 306 51.13 -5.20 1.76
CA CYS A 306 51.23 -4.22 0.68
C CYS A 306 50.05 -3.25 0.68
N THR A 307 50.36 -1.95 0.61
CA THR A 307 49.31 -0.93 0.65
C THR A 307 48.56 -0.82 -0.66
N VAL A 308 47.33 -0.29 -0.61
CA VAL A 308 46.47 -0.19 -1.77
C VAL A 308 46.99 0.81 -2.81
N ALA A 309 47.39 1.98 -2.31
CA ALA A 309 47.92 3.04 -3.14
C ALA A 309 49.16 2.56 -3.89
N GLN A 310 50.09 1.97 -3.14
CA GLN A 310 51.30 1.45 -3.75
C GLN A 310 50.98 0.33 -4.74
N TYR A 311 49.97 -0.48 -4.42
CA TYR A 311 49.57 -1.55 -5.31
C TYR A 311 49.13 -0.99 -6.66
N PHE A 312 48.36 0.10 -6.63
CA PHE A 312 47.90 0.72 -7.86
C PHE A 312 49.03 1.40 -8.64
N LYS A 313 49.97 2.01 -7.91
CA LYS A 313 51.18 2.55 -8.52
C LYS A 313 51.97 1.46 -9.25
N ASP A 314 52.19 0.34 -8.59
CA ASP A 314 53.00 -0.74 -9.14
C ASP A 314 52.32 -1.45 -10.31
N ARG A 315 51.12 -1.97 -10.08
CA ARG A 315 50.41 -2.75 -11.09
C ARG A 315 49.77 -1.89 -12.17
N HIS A 316 49.00 -0.88 -11.76
CA HIS A 316 48.15 -0.17 -12.70
C HIS A 316 48.72 1.18 -13.17
N LYS A 317 49.95 1.46 -12.75
CA LYS A 317 50.64 2.69 -13.16
C LYS A 317 49.85 3.94 -12.80
N LEU A 318 49.06 3.85 -11.74
CA LEU A 318 48.20 4.95 -11.32
C LEU A 318 48.63 5.51 -9.96
N VAL A 319 48.68 6.83 -9.86
CA VAL A 319 48.89 7.47 -8.56
C VAL A 319 47.58 8.07 -8.06
N LEU A 320 47.24 7.76 -6.82
CA LEU A 320 45.96 8.21 -6.26
C LEU A 320 45.94 9.72 -6.06
N ARG A 321 44.93 10.36 -6.63
CA ARG A 321 44.73 11.79 -6.49
C ARG A 321 44.28 12.10 -5.05
N TYR A 322 43.54 11.16 -4.46
CA TYR A 322 43.02 11.34 -3.10
C TYR A 322 43.40 10.17 -2.18
N PRO A 323 44.68 10.09 -1.79
CA PRO A 323 45.22 8.96 -1.00
C PRO A 323 44.71 8.94 0.43
N HIS A 324 44.39 10.10 0.97
CA HIS A 324 43.91 10.24 2.34
C HIS A 324 42.49 9.68 2.53
N LEU A 325 41.82 9.40 1.42
CA LEU A 325 40.46 8.86 1.45
C LEU A 325 40.45 7.34 1.62
N PRO A 326 39.40 6.81 2.25
CA PRO A 326 39.25 5.36 2.48
C PRO A 326 39.02 4.56 1.20
N CYS A 327 39.02 3.24 1.32
CA CYS A 327 38.71 2.37 0.21
C CYS A 327 37.40 1.64 0.46
N LEU A 328 36.72 1.26 -0.61
CA LEU A 328 35.55 0.42 -0.50
C LEU A 328 36.02 -1.02 -0.43
N GLN A 329 35.44 -1.80 0.48
CA GLN A 329 35.63 -3.23 0.45
C GLN A 329 34.50 -3.84 -0.36
N VAL A 330 34.86 -4.58 -1.40
CA VAL A 330 33.89 -5.13 -2.33
C VAL A 330 34.00 -6.64 -2.39
N GLY A 331 32.94 -7.28 -2.88
CA GLY A 331 32.89 -8.73 -2.93
C GLY A 331 32.57 -9.33 -1.58
N GLN A 332 33.05 -10.54 -1.34
CA GLN A 332 32.89 -11.20 -0.05
C GLN A 332 33.61 -10.38 1.03
N GLU A 333 32.99 -10.17 2.18
CA GLU A 333 33.65 -9.41 3.24
C GLU A 333 34.74 -10.19 3.93
N GLN A 334 34.72 -11.49 3.71
CA GLN A 334 35.81 -12.37 4.09
C GLN A 334 37.14 -12.23 3.37
N LYS A 335 37.12 -11.92 2.10
CA LYS A 335 38.35 -11.73 1.36
C LYS A 335 38.85 -10.32 1.59
N HIS A 336 39.91 -9.90 0.91
CA HIS A 336 40.44 -8.57 1.14
C HIS A 336 40.60 -7.77 -0.12
N THR A 337 39.51 -7.50 -0.81
CA THR A 337 39.55 -6.76 -2.07
C THR A 337 39.11 -5.34 -1.83
N TYR A 338 40.04 -4.43 -1.97
CA TYR A 338 39.80 -3.04 -1.59
C TYR A 338 40.03 -2.12 -2.79
N LEU A 339 39.00 -1.35 -3.17
CA LEU A 339 39.11 -0.44 -4.29
C LEU A 339 39.16 1.02 -3.82
N PRO A 340 40.05 1.83 -4.42
CA PRO A 340 40.09 3.26 -4.17
C PRO A 340 38.80 3.94 -4.66
N LEU A 341 38.38 5.02 -4.00
CA LEU A 341 37.13 5.70 -4.36
C LEU A 341 37.15 6.27 -5.78
N GLU A 342 38.28 6.86 -6.14
CA GLU A 342 38.39 7.66 -7.37
C GLU A 342 38.41 6.83 -8.67
N VAL A 343 38.49 5.51 -8.55
CA VAL A 343 38.46 4.65 -9.73
C VAL A 343 37.16 3.86 -9.84
N CYS A 344 36.18 4.22 -9.02
CA CYS A 344 34.89 3.53 -9.02
C CYS A 344 33.74 4.44 -9.43
N ASN A 345 32.78 3.91 -10.17
CA ASN A 345 31.54 4.65 -10.36
C ASN A 345 30.38 3.92 -9.73
N ILE A 346 29.37 4.66 -9.28
CA ILE A 346 28.10 4.06 -8.92
C ILE A 346 27.47 3.51 -10.20
N VAL A 347 27.08 2.24 -10.17
CA VAL A 347 26.44 1.61 -11.32
C VAL A 347 25.06 2.22 -11.58
N ALA A 348 24.74 2.44 -12.86
CA ALA A 348 23.45 3.02 -13.23
C ALA A 348 22.30 2.05 -13.01
N GLY A 349 21.15 2.59 -12.62
CA GLY A 349 19.94 1.80 -12.55
C GLY A 349 19.72 1.03 -11.27
N GLN A 350 20.16 1.56 -10.15
CA GLN A 350 19.89 0.92 -8.90
C GLN A 350 18.87 1.72 -8.17
N ARG A 351 17.76 1.11 -7.85
CA ARG A 351 16.73 1.76 -7.10
C ARG A 351 17.23 2.03 -5.71
N CYS A 352 16.83 3.16 -5.17
CA CYS A 352 17.19 3.49 -3.83
C CYS A 352 16.15 2.87 -2.90
N ILE A 353 16.52 1.76 -2.28
CA ILE A 353 15.73 1.07 -1.26
C ILE A 353 15.60 1.80 0.07
N LYS A 354 16.71 2.32 0.57
CA LYS A 354 16.78 3.09 1.81
C LYS A 354 15.80 4.25 1.85
N LYS A 355 15.27 4.54 3.03
CA LYS A 355 14.30 5.61 3.22
C LYS A 355 14.83 6.99 2.81
N LEU A 356 13.99 7.75 2.13
CA LEU A 356 14.35 9.12 1.76
C LEU A 356 14.23 10.03 2.97
N THR A 357 15.05 11.09 2.98
CA THR A 357 14.94 12.11 4.01
C THR A 357 13.68 12.95 3.80
N ASP A 358 13.34 13.77 4.80
CA ASP A 358 12.17 14.65 4.72
C ASP A 358 12.27 15.59 3.53
N ASN A 359 13.45 16.19 3.35
CA ASN A 359 13.68 17.09 2.22
C ASN A 359 13.65 16.36 0.88
N GLN A 360 14.34 15.23 0.80
CA GLN A 360 14.29 14.38 -0.40
C GLN A 360 12.86 14.03 -0.77
N THR A 361 12.06 13.66 0.23
CA THR A 361 10.66 13.30 0.03
C THR A 361 9.86 14.49 -0.48
N SER A 362 10.05 15.64 0.14
CA SER A 362 9.40 16.88 -0.27
C SER A 362 9.66 17.16 -1.75
N THR A 363 10.94 17.11 -2.13
CA THR A 363 11.35 17.31 -3.52
C THR A 363 10.73 16.27 -4.44
N MET A 364 10.64 15.03 -3.96
CA MET A 364 9.99 13.96 -4.72
C MET A 364 8.54 14.28 -5.04
N ILE A 365 7.76 14.54 -3.98
CA ILE A 365 6.36 14.94 -4.12
C ILE A 365 6.21 16.10 -5.10
N ARG A 366 7.01 17.14 -4.89
CA ARG A 366 6.98 18.34 -5.71
C ARG A 366 7.28 18.03 -7.17
N ALA A 367 8.14 17.05 -7.40
CA ALA A 367 8.51 16.65 -8.75
C ALA A 367 7.42 15.84 -9.44
N THR A 368 6.72 15.01 -8.67
CA THR A 368 5.83 14.02 -9.26
C THR A 368 4.34 14.31 -9.12
N ALA A 369 3.99 15.42 -8.48
CA ALA A 369 2.58 15.75 -8.25
C ALA A 369 1.86 16.13 -9.54
N ARG A 370 0.74 15.48 -9.80
CA ARG A 370 -0.08 15.80 -10.96
C ARG A 370 -1.57 15.77 -10.62
N SER A 371 -2.29 16.81 -11.04
CA SER A 371 -3.75 16.78 -11.00
C SER A 371 -4.24 15.65 -11.90
N ALA A 372 -5.52 15.30 -11.79
CA ALA A 372 -6.09 14.27 -12.66
C ALA A 372 -5.91 14.53 -14.18
N PRO A 373 -6.27 15.73 -14.67
CA PRO A 373 -6.08 15.96 -16.11
C PRO A 373 -4.61 15.88 -16.53
N ASP A 374 -3.72 16.39 -15.69
CA ASP A 374 -2.29 16.31 -15.98
C ASP A 374 -1.82 14.85 -16.12
N ARG A 375 -2.24 14.00 -15.19
CA ARG A 375 -1.89 12.58 -15.24
C ARG A 375 -2.49 11.91 -16.47
N GLN A 376 -3.73 12.24 -16.78
CA GLN A 376 -4.39 11.73 -17.98
C GLN A 376 -3.57 12.07 -19.23
N GLU A 377 -3.17 13.33 -19.35
CA GLU A 377 -2.37 13.76 -20.49
C GLU A 377 -1.00 13.09 -20.50
N GLU A 378 -0.42 12.84 -19.32
CA GLU A 378 0.88 12.19 -19.22
C GLU A 378 0.82 10.72 -19.67
N ILE A 379 -0.23 10.02 -19.24
CA ILE A 379 -0.44 8.63 -19.64
C ILE A 379 -0.67 8.56 -21.14
N SER A 380 -1.51 9.45 -21.66
CA SER A 380 -1.78 9.48 -23.10
C SER A 380 -0.53 9.79 -23.92
N LYS A 381 0.24 10.75 -23.45
CA LYS A 381 1.47 11.16 -24.11
C LYS A 381 2.43 9.98 -24.13
N LEU A 382 2.52 9.29 -22.99
CA LEU A 382 3.35 8.10 -22.86
C LEU A 382 2.94 7.01 -23.84
N MET A 383 1.63 6.77 -23.97
CA MET A 383 1.14 5.71 -24.86
C MET A 383 1.25 6.04 -26.35
N ARG A 384 1.15 7.32 -26.69
CA ARG A 384 1.37 7.74 -28.07
C ARG A 384 2.86 7.63 -28.39
N SER A 385 3.69 7.90 -27.40
CA SER A 385 5.13 7.89 -27.60
C SER A 385 5.75 6.52 -27.30
N ALA A 386 4.90 5.54 -27.00
CA ALA A 386 5.37 4.24 -26.56
C ALA A 386 5.80 3.36 -27.72
N ASP A 387 4.99 3.36 -28.77
CA ASP A 387 5.24 2.53 -29.95
C ASP A 387 5.27 1.05 -29.60
N PHE A 388 4.23 0.58 -28.91
CA PHE A 388 4.12 -0.83 -28.56
C PHE A 388 3.96 -1.70 -29.79
N ASN A 389 3.40 -1.11 -30.85
CA ASN A 389 3.09 -1.88 -32.05
C ASN A 389 4.26 -2.07 -32.99
N THR A 390 5.35 -1.34 -32.74
CA THR A 390 6.59 -1.50 -33.49
C THR A 390 7.60 -2.33 -32.71
N ASP A 391 7.22 -2.68 -31.48
CA ASP A 391 7.98 -3.64 -30.68
C ASP A 391 8.04 -4.96 -31.44
N PRO A 392 9.25 -5.36 -31.88
CA PRO A 392 9.42 -6.52 -32.77
C PRO A 392 8.86 -7.83 -32.21
N TYR A 393 8.85 -7.98 -30.88
CA TYR A 393 8.29 -9.17 -30.26
C TYR A 393 6.76 -9.14 -30.23
N VAL A 394 6.20 -7.97 -29.91
CA VAL A 394 4.77 -7.75 -30.02
C VAL A 394 4.29 -8.04 -31.44
N ARG A 395 4.96 -7.44 -32.42
CA ARG A 395 4.57 -7.63 -33.80
C ARG A 395 4.82 -9.07 -34.26
N GLU A 396 5.83 -9.71 -33.68
CA GLU A 396 6.08 -11.13 -33.91
C GLU A 396 4.88 -11.97 -33.49
N PHE A 397 4.28 -11.61 -32.35
CA PHE A 397 3.10 -12.33 -31.88
C PHE A 397 1.78 -11.76 -32.41
N GLY A 398 1.87 -10.90 -33.42
CA GLY A 398 0.69 -10.39 -34.11
C GLY A 398 -0.24 -9.50 -33.29
N ILE A 399 0.27 -9.02 -32.16
CA ILE A 399 -0.53 -8.23 -31.23
C ILE A 399 -0.56 -6.76 -31.66
N MET A 400 -1.75 -6.15 -31.55
CA MET A 400 -1.90 -4.70 -31.75
C MET A 400 -2.47 -4.01 -30.50
N VAL A 401 -1.88 -2.90 -30.10
CA VAL A 401 -2.34 -2.14 -28.95
C VAL A 401 -2.92 -0.78 -29.36
N LYS A 402 -4.12 -0.47 -28.88
CA LYS A 402 -4.74 0.82 -29.16
C LYS A 402 -4.02 1.94 -28.41
N ASP A 403 -3.88 3.10 -29.05
CA ASP A 403 -3.12 4.18 -28.46
C ASP A 403 -3.98 5.21 -27.72
N GLU A 404 -5.27 4.91 -27.60
CA GLU A 404 -6.20 5.80 -26.92
C GLU A 404 -6.83 5.10 -25.73
N MET A 405 -7.08 5.87 -24.68
CA MET A 405 -7.77 5.34 -23.51
C MET A 405 -9.15 4.84 -23.89
N THR A 406 -9.55 3.73 -23.28
CA THR A 406 -10.90 3.23 -23.46
C THR A 406 -11.93 4.17 -22.86
N ASP A 407 -13.02 4.37 -23.59
CA ASP A 407 -14.17 5.08 -23.07
C ASP A 407 -15.01 4.11 -22.27
N VAL A 408 -15.52 4.58 -21.15
CA VAL A 408 -16.35 3.73 -20.30
C VAL A 408 -17.40 4.61 -19.67
N THR A 409 -18.62 4.08 -19.55
CA THR A 409 -19.69 4.82 -18.90
C THR A 409 -19.79 4.45 -17.43
N GLY A 410 -19.60 5.42 -16.56
CA GLY A 410 -19.84 5.22 -15.15
C GLY A 410 -21.25 5.64 -14.79
N ARG A 411 -21.66 5.36 -13.56
CA ARG A 411 -22.87 5.93 -13.00
C ARG A 411 -22.48 6.59 -11.69
N VAL A 412 -23.03 7.77 -11.44
CA VAL A 412 -22.78 8.44 -10.15
C VAL A 412 -23.92 8.13 -9.19
N LEU A 413 -23.64 7.30 -8.18
CA LEU A 413 -24.63 6.93 -7.18
C LEU A 413 -25.05 8.11 -6.33
N GLN A 414 -26.29 8.10 -5.87
CA GLN A 414 -26.77 9.12 -4.96
C GLN A 414 -26.24 8.82 -3.57
N PRO A 415 -25.80 9.85 -2.84
CA PRO A 415 -25.33 9.68 -1.47
C PRO A 415 -26.50 9.44 -0.54
N PRO A 416 -26.29 8.67 0.53
CA PRO A 416 -27.33 8.52 1.55
C PRO A 416 -27.52 9.85 2.30
N SER A 417 -28.67 10.02 2.92
CA SER A 417 -28.85 11.14 3.84
C SER A 417 -28.31 10.73 5.21
N ILE A 418 -27.71 11.68 5.91
CA ILE A 418 -27.13 11.38 7.22
C ILE A 418 -28.00 11.97 8.32
N LEU A 419 -28.44 11.13 9.26
CA LEU A 419 -29.38 11.59 10.28
C LEU A 419 -28.69 11.90 11.61
N TYR A 420 -28.93 13.11 12.10
CA TYR A 420 -28.37 13.54 13.38
C TYR A 420 -29.45 13.50 14.46
N GLY A 421 -29.14 13.98 15.66
CA GLY A 421 -30.07 13.89 16.76
C GLY A 421 -30.37 15.26 17.33
N GLY A 422 -30.49 15.34 18.66
CA GLY A 422 -30.68 16.61 19.33
C GLY A 422 -32.11 17.12 19.28
N ARG A 423 -32.27 18.45 19.23
CA ARG A 423 -33.59 19.04 19.08
C ARG A 423 -34.04 18.96 17.63
N ASN A 424 -33.11 19.26 16.73
CA ASN A 424 -33.37 19.29 15.28
C ASN A 424 -33.73 17.94 14.67
N LYS A 425 -33.00 16.90 15.08
CA LYS A 425 -32.98 15.64 14.34
C LYS A 425 -32.57 15.93 12.89
N ALA A 426 -31.55 16.77 12.75
CA ALA A 426 -31.14 17.29 11.45
C ALA A 426 -30.76 16.20 10.45
N ILE A 427 -31.14 16.41 9.20
CA ILE A 427 -30.68 15.57 8.12
C ILE A 427 -29.67 16.34 7.29
N ALA A 428 -28.50 15.75 7.13
CA ALA A 428 -27.45 16.32 6.30
C ALA A 428 -27.44 15.62 4.95
N THR A 429 -27.15 16.39 3.91
CA THR A 429 -27.08 15.85 2.57
C THR A 429 -25.67 16.06 2.05
N PRO A 430 -24.91 14.96 1.89
CA PRO A 430 -23.57 15.08 1.33
C PRO A 430 -23.67 15.70 -0.05
N VAL A 431 -22.78 16.62 -0.37
CA VAL A 431 -22.66 17.16 -1.72
C VAL A 431 -21.22 16.99 -2.15
N GLN A 432 -21.02 16.28 -3.26
CA GLN A 432 -19.69 15.89 -3.73
C GLN A 432 -18.86 15.26 -2.60
N GLY A 433 -19.49 14.34 -1.88
CA GLY A 433 -18.84 13.52 -0.88
C GLY A 433 -18.44 14.21 0.40
N VAL A 434 -19.05 15.37 0.67
CA VAL A 434 -18.73 16.17 1.86
C VAL A 434 -19.98 16.79 2.47
N TRP A 435 -20.09 16.74 3.79
CA TRP A 435 -21.08 17.52 4.53
C TRP A 435 -20.39 18.06 5.79
N ASP A 436 -21.15 18.67 6.70
CA ASP A 436 -20.53 19.20 7.92
C ASP A 436 -21.48 19.26 9.12
N MET A 437 -20.91 19.59 10.28
CA MET A 437 -21.59 19.44 11.57
C MET A 437 -22.36 20.67 12.04
N ARG A 438 -22.28 21.76 11.27
CA ARG A 438 -22.92 23.02 11.65
C ARG A 438 -24.43 22.90 11.87
N ASN A 439 -24.89 23.37 13.03
CA ASN A 439 -26.29 23.28 13.46
C ASN A 439 -26.80 21.85 13.64
N LYS A 440 -25.90 20.96 14.01
CA LYS A 440 -26.29 19.57 14.17
C LYS A 440 -25.79 19.01 15.49
N GLN A 441 -26.57 18.11 16.07
CA GLN A 441 -26.16 17.44 17.30
C GLN A 441 -26.04 15.96 17.03
N PHE A 442 -25.14 15.31 17.77
CA PHE A 442 -24.91 13.89 17.62
C PHE A 442 -26.22 13.11 17.80
N HIS A 443 -26.35 12.00 17.09
CA HIS A 443 -27.51 11.13 17.27
C HIS A 443 -27.65 10.76 18.74
N THR A 444 -26.56 10.29 19.33
CA THR A 444 -26.51 10.08 20.76
C THR A 444 -25.23 10.70 21.30
N GLY A 445 -25.37 11.83 22.00
CA GLY A 445 -24.22 12.53 22.54
C GLY A 445 -23.95 12.18 23.99
N ILE A 446 -22.68 12.07 24.34
CA ILE A 446 -22.28 11.74 25.69
C ILE A 446 -22.15 13.00 26.54
N GLU A 447 -22.72 12.97 27.75
CA GLU A 447 -22.46 14.02 28.74
C GLU A 447 -21.15 13.71 29.43
N ILE A 448 -20.17 14.61 29.27
CA ILE A 448 -18.89 14.45 29.94
C ILE A 448 -18.90 15.21 31.26
N LYS A 449 -18.94 14.45 32.37
CA LYS A 449 -18.99 15.02 33.71
C LYS A 449 -17.63 15.03 34.40
N VAL A 450 -16.90 13.91 34.29
CA VAL A 450 -15.61 13.79 34.95
C VAL A 450 -14.49 13.56 33.94
N TRP A 451 -13.59 14.52 33.83
CA TRP A 451 -12.47 14.37 32.90
C TRP A 451 -11.21 15.05 33.42
N ALA A 452 -10.07 14.71 32.83
CA ALA A 452 -8.81 15.25 33.29
C ALA A 452 -7.94 15.74 32.14
N ILE A 453 -6.90 16.50 32.46
CA ILE A 453 -5.93 16.95 31.48
C ILE A 453 -4.51 16.67 31.95
N ALA A 454 -3.75 15.93 31.16
CA ALA A 454 -2.33 15.73 31.39
C ALA A 454 -1.58 16.42 30.27
N CYS A 455 -0.82 17.46 30.61
CA CYS A 455 -0.03 18.18 29.63
C CYS A 455 1.45 17.80 29.69
N PHE A 456 1.92 17.11 28.65
CA PHE A 456 3.32 16.70 28.58
C PHE A 456 4.13 17.71 27.79
N ALA A 457 3.44 18.72 27.27
CA ALA A 457 4.13 19.85 26.65
C ALA A 457 4.69 20.74 27.75
N PRO A 458 5.84 21.40 27.49
CA PRO A 458 6.49 22.23 28.50
C PRO A 458 5.64 23.46 28.84
N GLN A 459 5.58 23.81 30.12
CA GLN A 459 4.80 24.93 30.61
C GLN A 459 5.10 26.25 29.89
N ARG A 460 6.39 26.51 29.64
CA ARG A 460 6.83 27.77 29.06
C ARG A 460 6.30 27.96 27.64
N GLN A 461 5.89 26.86 27.01
CA GLN A 461 5.41 26.90 25.63
C GLN A 461 3.89 26.73 25.58
N CYS A 462 3.38 25.86 26.45
CA CYS A 462 1.95 25.60 26.52
C CYS A 462 1.40 25.99 27.89
N THR A 463 1.15 27.29 28.07
CA THR A 463 0.82 27.86 29.37
C THR A 463 -0.58 27.47 29.87
N GLU A 464 -0.84 27.78 31.14
CA GLU A 464 -2.14 27.49 31.75
C GLU A 464 -3.23 28.31 31.08
N VAL A 465 -2.85 29.47 30.54
CA VAL A 465 -3.75 30.31 29.77
C VAL A 465 -4.17 29.61 28.48
N HIS A 466 -3.19 29.03 27.78
CA HIS A 466 -3.48 28.24 26.59
C HIS A 466 -4.44 27.10 26.89
N LEU A 467 -4.17 26.36 27.96
CA LEU A 467 -4.99 25.22 28.35
C LEU A 467 -6.42 25.67 28.70
N LYS A 468 -6.53 26.77 29.44
CA LYS A 468 -7.81 27.35 29.77
C LYS A 468 -8.62 27.76 28.54
N SER A 469 -8.00 28.54 27.65
CA SER A 469 -8.65 29.04 26.44
C SER A 469 -9.10 27.90 25.55
N PHE A 470 -8.23 26.90 25.43
CA PHE A 470 -8.53 25.69 24.70
C PHE A 470 -9.73 24.97 25.30
N THR A 471 -9.76 24.90 26.64
CA THR A 471 -10.88 24.27 27.34
C THR A 471 -12.18 25.01 27.01
N GLU A 472 -12.15 26.35 27.08
CA GLU A 472 -13.32 27.17 26.77
C GLU A 472 -13.85 26.88 25.38
N GLN A 473 -12.97 26.95 24.40
CA GLN A 473 -13.33 26.67 23.01
C GLN A 473 -13.90 25.26 22.82
N LEU A 474 -13.19 24.26 23.37
CA LEU A 474 -13.62 22.88 23.25
C LEU A 474 -15.01 22.70 23.82
N ARG A 475 -15.28 23.31 24.97
CA ARG A 475 -16.59 23.21 25.59
C ARG A 475 -17.67 23.92 24.76
N LYS A 476 -17.31 25.03 24.12
CA LYS A 476 -18.26 25.70 23.22
C LYS A 476 -18.70 24.81 22.05
N ILE A 477 -17.70 24.35 21.29
CA ILE A 477 -17.95 23.45 20.16
C ILE A 477 -18.67 22.16 20.61
N SER A 478 -18.25 21.61 21.75
CA SER A 478 -18.81 20.36 22.24
C SER A 478 -20.28 20.51 22.67
N ARG A 479 -20.65 21.60 23.28
CA ARG A 479 -22.03 21.89 23.54
C ARG A 479 -22.83 22.10 22.27
N ASP A 480 -22.26 22.80 21.31
CA ASP A 480 -22.95 22.95 20.02
C ASP A 480 -23.24 21.60 19.36
N ALA A 481 -22.44 20.59 19.70
CA ALA A 481 -22.51 19.29 19.04
C ALA A 481 -23.39 18.28 19.77
N GLY A 482 -23.88 18.65 20.95
CA GLY A 482 -24.67 17.71 21.74
C GLY A 482 -23.82 16.76 22.55
N MET A 483 -22.56 17.13 22.78
CA MET A 483 -21.67 16.38 23.66
C MET A 483 -21.18 17.33 24.76
N PRO A 484 -22.09 17.70 25.67
CA PRO A 484 -21.77 18.74 26.65
C PRO A 484 -20.71 18.32 27.67
N ILE A 485 -19.61 19.06 27.70
CA ILE A 485 -18.63 18.92 28.75
C ILE A 485 -19.10 19.81 29.89
N GLN A 486 -19.67 19.20 30.90
CA GLN A 486 -20.46 19.87 31.89
C GLN A 486 -19.66 20.91 32.67
N GLY A 487 -18.39 20.69 32.84
CA GLY A 487 -17.59 21.53 33.69
C GLY A 487 -16.15 21.53 33.33
N GLN A 488 -15.36 22.13 34.18
CA GLN A 488 -13.92 22.10 34.10
C GLN A 488 -13.34 20.72 34.48
N PRO A 489 -12.08 20.45 33.95
CA PRO A 489 -11.55 19.15 34.36
C PRO A 489 -11.19 19.05 35.85
N CYS A 490 -11.44 17.90 36.44
CA CYS A 490 -11.18 17.59 37.83
C CYS A 490 -9.70 17.60 38.19
N PHE A 491 -8.85 17.40 37.22
CA PHE A 491 -7.42 17.26 37.41
C PHE A 491 -6.73 17.85 36.19
N CYS A 492 -5.69 18.64 36.42
CA CYS A 492 -4.92 19.22 35.33
C CYS A 492 -3.52 19.55 35.82
N LYS A 493 -2.56 18.70 35.46
CA LYS A 493 -1.18 18.92 35.84
C LYS A 493 -0.26 18.76 34.64
N TYR A 494 0.93 19.36 34.72
CA TYR A 494 1.97 19.13 33.73
C TYR A 494 2.76 17.90 34.12
N ALA A 495 3.40 17.27 33.13
CA ALA A 495 4.27 16.12 33.38
C ALA A 495 5.37 16.07 32.34
N GLN A 496 6.38 15.27 32.60
CA GLN A 496 7.49 15.12 31.67
C GLN A 496 7.92 13.66 31.53
N GLY A 497 8.16 13.26 30.28
CA GLY A 497 8.70 11.95 29.98
C GLY A 497 7.69 10.81 30.08
N ALA A 498 8.00 9.71 29.40
CA ALA A 498 7.13 8.53 29.40
C ALA A 498 6.96 7.93 30.81
N ASP A 499 8.00 8.07 31.63
CA ASP A 499 8.02 7.50 32.97
C ASP A 499 6.88 8.01 33.84
N SER A 500 6.45 9.24 33.60
CA SER A 500 5.40 9.83 34.42
C SER A 500 4.01 9.37 34.00
N VAL A 501 3.90 8.73 32.84
CA VAL A 501 2.59 8.35 32.33
C VAL A 501 1.82 7.39 33.24
N GLU A 502 2.39 6.21 33.45
CA GLU A 502 1.71 5.18 34.22
C GLU A 502 1.33 5.57 35.66
N PRO A 503 2.28 6.19 36.42
CA PRO A 503 1.88 6.55 37.78
C PRO A 503 0.78 7.60 37.80
N MET A 504 0.81 8.52 36.83
CA MET A 504 -0.23 9.53 36.74
C MET A 504 -1.61 8.94 36.40
N PHE A 505 -1.63 7.98 35.49
CA PHE A 505 -2.90 7.38 35.07
C PHE A 505 -3.47 6.46 36.16
N ARG A 506 -2.58 5.75 36.85
CA ARG A 506 -3.00 4.93 37.98
C ARG A 506 -3.61 5.81 39.05
N HIS A 507 -2.93 6.90 39.36
CA HIS A 507 -3.44 7.86 40.31
C HIS A 507 -4.83 8.36 39.91
N LEU A 508 -5.00 8.70 38.64
CA LEU A 508 -6.29 9.23 38.18
C LEU A 508 -7.41 8.21 38.35
N LYS A 509 -7.11 6.95 38.02
CA LYS A 509 -8.12 5.89 38.06
C LYS A 509 -8.51 5.57 39.50
N ASN A 510 -7.57 5.76 40.43
CA ASN A 510 -7.82 5.46 41.83
C ASN A 510 -8.50 6.61 42.56
N THR A 511 -8.38 7.82 42.02
CA THR A 511 -8.80 9.02 42.73
C THR A 511 -10.17 9.56 42.30
N TYR A 512 -10.41 9.59 41.00
CA TYR A 512 -11.63 10.21 40.48
C TYR A 512 -12.64 9.19 39.97
N ALA A 513 -13.66 8.92 40.77
CA ALA A 513 -14.69 7.97 40.40
C ALA A 513 -15.54 8.53 39.27
N GLY A 514 -15.82 7.70 38.29
CA GLY A 514 -16.65 8.10 37.17
C GLY A 514 -15.85 8.79 36.08
N LEU A 515 -14.53 8.72 36.18
CA LEU A 515 -13.66 9.37 35.21
C LEU A 515 -13.92 8.83 33.81
N GLN A 516 -14.26 9.72 32.89
CA GLN A 516 -14.67 9.31 31.55
C GLN A 516 -13.54 9.45 30.53
N LEU A 517 -12.68 10.44 30.73
CA LEU A 517 -11.69 10.79 29.71
C LEU A 517 -10.47 11.50 30.25
N VAL A 518 -9.31 11.17 29.67
CA VAL A 518 -8.11 11.95 29.90
C VAL A 518 -7.65 12.60 28.60
N VAL A 519 -7.61 13.92 28.59
CA VAL A 519 -7.07 14.66 27.47
C VAL A 519 -5.57 14.85 27.69
N VAL A 520 -4.78 14.39 26.72
CA VAL A 520 -3.34 14.43 26.83
C VAL A 520 -2.73 15.35 25.80
N ILE A 521 -2.07 16.41 26.25
CA ILE A 521 -1.43 17.35 25.33
C ILE A 521 0.03 16.96 25.12
N LEU A 522 0.43 16.81 23.85
CA LEU A 522 1.78 16.41 23.52
C LEU A 522 2.55 17.50 22.76
N PRO A 523 3.86 17.60 23.00
CA PRO A 523 4.71 18.58 22.29
C PRO A 523 5.17 18.11 20.90
N GLY A 524 4.27 17.57 20.10
CA GLY A 524 4.66 17.03 18.80
C GLY A 524 5.01 15.56 18.88
N LYS A 525 5.84 15.10 17.95
CA LYS A 525 6.26 13.71 17.88
C LYS A 525 7.03 13.31 19.13
N THR A 526 6.51 12.32 19.86
CA THR A 526 7.14 11.87 21.09
C THR A 526 6.76 10.42 21.42
N PRO A 527 7.69 9.67 22.03
CA PRO A 527 7.43 8.29 22.49
C PRO A 527 6.34 8.23 23.57
N VAL A 528 6.06 9.41 24.13
CA VAL A 528 5.00 9.55 25.12
C VAL A 528 3.66 9.11 24.55
N TYR A 529 3.39 9.40 23.28
CA TYR A 529 2.13 8.99 22.68
C TYR A 529 1.91 7.48 22.78
N ALA A 530 2.92 6.74 22.35
CA ALA A 530 2.90 5.28 22.42
C ALA A 530 2.76 4.80 23.86
N GLU A 531 3.41 5.50 24.79
CA GLU A 531 3.26 5.11 26.21
C GLU A 531 1.85 5.37 26.76
N VAL A 532 1.30 6.52 26.42
CA VAL A 532 -0.08 6.88 26.77
C VAL A 532 -1.05 5.83 26.25
N LYS A 533 -0.85 5.38 25.03
CA LYS A 533 -1.71 4.34 24.46
C LYS A 533 -1.49 2.97 25.10
N ARG A 534 -0.24 2.59 25.36
CA ARG A 534 0.04 1.32 26.01
C ARG A 534 -0.67 1.25 27.36
N VAL A 535 -0.59 2.35 28.11
CA VAL A 535 -1.17 2.40 29.44
C VAL A 535 -2.70 2.49 29.42
N GLY A 536 -3.23 3.39 28.60
CA GLY A 536 -4.67 3.56 28.51
C GLY A 536 -5.38 2.36 27.92
N ASP A 537 -4.88 1.89 26.78
CA ASP A 537 -5.54 0.80 26.06
C ASP A 537 -5.35 -0.57 26.69
N THR A 538 -4.14 -0.87 27.12
CA THR A 538 -3.80 -2.25 27.49
C THR A 538 -3.46 -2.48 28.96
N VAL A 539 -3.05 -1.44 29.68
CA VAL A 539 -2.67 -1.59 31.08
C VAL A 539 -3.77 -1.19 32.07
N LEU A 540 -4.45 -0.07 31.81
CA LEU A 540 -5.45 0.43 32.75
C LEU A 540 -6.89 0.46 32.22
N GLY A 541 -7.05 0.43 30.91
CA GLY A 541 -8.38 0.48 30.31
C GLY A 541 -9.04 1.83 30.51
N MET A 542 -8.34 2.89 30.10
CA MET A 542 -8.84 4.25 30.27
C MET A 542 -8.90 4.98 28.94
N ALA A 543 -9.97 5.72 28.71
CA ALA A 543 -10.12 6.47 27.48
C ALA A 543 -9.17 7.65 27.47
N THR A 544 -8.37 7.76 26.42
CA THR A 544 -7.52 8.93 26.26
C THR A 544 -7.79 9.63 24.93
N GLN A 545 -7.63 10.94 24.93
CA GLN A 545 -7.66 11.71 23.70
C GLN A 545 -6.43 12.58 23.64
N CYS A 546 -5.54 12.28 22.72
CA CYS A 546 -4.33 13.08 22.58
C CYS A 546 -4.55 14.22 21.61
N VAL A 547 -3.89 15.34 21.86
CA VAL A 547 -3.96 16.51 20.97
C VAL A 547 -2.61 17.21 21.00
N GLN A 548 -2.15 17.62 19.83
CA GLN A 548 -0.84 18.26 19.72
C GLN A 548 -0.87 19.69 20.29
N MET A 549 0.26 20.08 20.87
CA MET A 549 0.42 21.37 21.53
C MET A 549 -0.03 22.55 20.65
N LYS A 550 0.37 22.53 19.39
CA LYS A 550 0.07 23.63 18.47
C LYS A 550 -1.43 23.81 18.24
N ASN A 551 -2.18 22.73 18.36
CA ASN A 551 -3.64 22.79 18.20
C ASN A 551 -4.35 23.16 19.49
N VAL A 552 -3.57 23.31 20.57
CA VAL A 552 -4.09 23.82 21.83
C VAL A 552 -3.81 25.31 21.87
N GLN A 553 -2.63 25.69 21.37
CA GLN A 553 -2.22 27.08 21.31
C GLN A 553 -3.08 27.91 20.36
N ARG A 554 -3.36 27.36 19.18
CA ARG A 554 -4.23 28.00 18.20
C ARG A 554 -5.35 27.06 17.78
N THR A 555 -6.54 27.30 18.32
CA THR A 555 -7.71 26.48 18.02
C THR A 555 -8.50 27.00 16.82
N THR A 556 -9.15 26.09 16.10
CA THR A 556 -10.11 26.47 15.06
C THR A 556 -11.38 25.62 15.24
N PRO A 557 -12.54 26.16 14.84
CA PRO A 557 -13.81 25.43 14.94
C PRO A 557 -13.78 24.05 14.26
N GLN A 558 -13.18 23.97 13.08
CA GLN A 558 -13.16 22.72 12.32
C GLN A 558 -12.39 21.63 13.07
N THR A 559 -11.21 21.99 13.57
CA THR A 559 -10.35 21.06 14.28
C THR A 559 -11.01 20.57 15.58
N LEU A 560 -11.49 21.50 16.39
CA LEU A 560 -12.19 21.13 17.61
C LEU A 560 -13.41 20.26 17.32
N SER A 561 -14.12 20.57 16.25
CA SER A 561 -15.29 19.78 15.84
C SER A 561 -14.89 18.33 15.53
N ASN A 562 -13.85 18.16 14.72
CA ASN A 562 -13.37 16.81 14.40
C ASN A 562 -12.92 16.04 15.67
N LEU A 563 -12.23 16.79 16.54
CA LEU A 563 -11.81 16.27 17.83
C LEU A 563 -13.02 15.76 18.61
N CYS A 564 -14.13 16.50 18.54
CA CYS A 564 -15.37 16.08 19.19
C CYS A 564 -15.95 14.83 18.57
N LEU A 565 -15.77 14.66 17.26
CA LEU A 565 -16.23 13.42 16.63
C LEU A 565 -15.54 12.27 17.34
N LYS A 566 -14.22 12.37 17.41
CA LYS A 566 -13.42 11.32 18.06
C LYS A 566 -13.80 11.07 19.53
N ILE A 567 -13.90 12.16 20.29
CA ILE A 567 -14.22 12.06 21.70
C ILE A 567 -15.60 11.42 21.93
N ASN A 568 -16.61 11.85 21.19
CA ASN A 568 -17.94 11.26 21.37
C ASN A 568 -17.92 9.77 21.07
N VAL A 569 -17.24 9.40 19.99
CA VAL A 569 -17.16 7.97 19.69
C VAL A 569 -16.44 7.16 20.78
N LYS A 570 -15.25 7.60 21.18
CA LYS A 570 -14.48 6.90 22.21
C LYS A 570 -15.26 6.70 23.51
N LEU A 571 -16.20 7.60 23.79
CA LEU A 571 -16.98 7.51 25.01
C LEU A 571 -18.29 6.74 24.81
N GLY A 572 -18.43 6.05 23.68
CA GLY A 572 -19.59 5.23 23.42
C GLY A 572 -20.79 5.91 22.77
N GLY A 573 -20.59 7.13 22.25
CA GLY A 573 -21.66 7.86 21.61
C GLY A 573 -21.87 7.46 20.15
N VAL A 574 -23.02 7.85 19.60
CA VAL A 574 -23.32 7.65 18.18
C VAL A 574 -23.40 9.02 17.50
N ASN A 575 -22.39 9.34 16.70
CA ASN A 575 -22.31 10.66 16.06
C ASN A 575 -23.49 10.91 15.15
N ASN A 576 -23.75 9.99 14.23
CA ASN A 576 -24.88 10.07 13.30
C ASN A 576 -25.19 8.70 12.72
N ILE A 577 -26.31 8.58 12.00
CA ILE A 577 -26.67 7.30 11.40
C ILE A 577 -27.17 7.50 9.98
N LEU A 578 -27.05 6.47 9.15
CA LEU A 578 -27.66 6.49 7.84
C LEU A 578 -29.16 6.67 8.04
N LEU A 579 -29.79 7.53 7.24
CA LEU A 579 -31.24 7.64 7.25
C LEU A 579 -31.78 6.23 7.10
N PRO A 580 -32.48 5.73 8.12
CA PRO A 580 -32.93 4.34 8.20
C PRO A 580 -33.75 3.90 6.98
N GLN A 581 -34.79 4.67 6.63
CA GLN A 581 -35.66 4.31 5.51
C GLN A 581 -34.94 4.37 4.16
N GLY A 582 -33.73 4.94 4.15
CA GLY A 582 -32.94 5.04 2.93
C GLY A 582 -31.90 3.95 2.77
N ARG A 583 -31.87 2.99 3.71
CA ARG A 583 -30.95 1.86 3.65
C ARG A 583 -31.46 0.78 2.70
N PRO A 584 -30.54 0.05 2.04
CA PRO A 584 -30.92 -1.09 1.20
C PRO A 584 -31.60 -2.22 2.01
N PRO A 585 -32.40 -3.08 1.34
CA PRO A 585 -33.27 -4.06 2.03
C PRO A 585 -32.55 -5.05 2.92
N VAL A 586 -31.23 -5.16 2.78
CA VAL A 586 -30.45 -6.10 3.59
C VAL A 586 -30.64 -5.84 5.10
N PHE A 587 -30.93 -4.60 5.46
CA PHE A 587 -31.11 -4.24 6.86
C PHE A 587 -32.44 -4.72 7.45
N GLN A 588 -33.28 -5.34 6.62
CA GLN A 588 -34.57 -5.83 7.12
C GLN A 588 -34.40 -7.05 8.04
N GLN A 589 -33.25 -7.71 7.93
CA GLN A 589 -32.91 -8.82 8.82
C GLN A 589 -31.60 -8.49 9.51
N PRO A 590 -31.35 -9.09 10.69
CA PRO A 590 -30.07 -8.86 11.39
C PRO A 590 -28.89 -9.21 10.49
N VAL A 591 -27.92 -8.30 10.43
CA VAL A 591 -26.76 -8.49 9.57
C VAL A 591 -25.54 -7.87 10.23
N ILE A 592 -24.40 -8.55 10.19
CA ILE A 592 -23.18 -7.98 10.76
C ILE A 592 -22.17 -7.58 9.68
N PHE A 593 -21.56 -6.42 9.86
CA PHE A 593 -20.55 -5.92 8.91
C PHE A 593 -19.16 -6.03 9.50
N LEU A 594 -18.34 -6.85 8.85
CA LEU A 594 -16.98 -7.12 9.26
C LEU A 594 -16.01 -6.41 8.32
N GLY A 595 -14.97 -5.83 8.90
CA GLY A 595 -13.86 -5.29 8.13
C GLY A 595 -12.60 -5.98 8.59
N ALA A 596 -11.71 -6.28 7.65
CA ALA A 596 -10.51 -7.04 7.98
C ALA A 596 -9.32 -6.51 7.20
N ASP A 597 -8.15 -6.49 7.84
CA ASP A 597 -6.95 -6.04 7.18
C ASP A 597 -5.72 -6.66 7.83
N VAL A 598 -4.69 -6.90 7.03
CA VAL A 598 -3.39 -7.27 7.56
C VAL A 598 -2.41 -6.19 7.15
N THR A 599 -1.60 -5.75 8.12
CA THR A 599 -0.58 -4.74 7.88
C THR A 599 0.76 -5.41 8.07
N HIS A 600 1.64 -5.24 7.09
CA HIS A 600 2.93 -5.91 7.13
C HIS A 600 4.03 -4.90 7.43
N PRO A 601 5.16 -5.37 7.98
CA PRO A 601 6.30 -4.48 8.26
C PRO A 601 6.86 -3.89 6.97
N PRO A 602 7.53 -2.75 7.08
CA PRO A 602 8.13 -2.10 5.93
C PRO A 602 9.26 -2.91 5.34
N ALA A 603 9.78 -2.46 4.21
CA ALA A 603 10.87 -3.15 3.57
C ALA A 603 12.05 -3.19 4.49
N GLY A 604 12.62 -4.39 4.60
CA GLY A 604 13.79 -4.60 5.41
C GLY A 604 13.52 -5.55 6.54
N ASP A 605 13.32 -5.00 7.72
CA ASP A 605 13.37 -5.74 8.96
C ASP A 605 12.48 -6.96 8.88
N GLY A 606 13.05 -8.10 9.25
CA GLY A 606 12.64 -9.39 8.77
C GLY A 606 11.86 -10.42 9.54
N LYS A 607 11.65 -10.19 10.83
CA LYS A 607 10.89 -11.10 11.68
C LYS A 607 9.75 -10.35 12.32
N LYS A 608 9.75 -9.03 12.11
CA LYS A 608 8.78 -8.15 12.74
C LYS A 608 7.47 -8.73 12.33
N PRO A 609 6.49 -8.84 13.19
CA PRO A 609 5.34 -9.64 12.75
C PRO A 609 4.39 -8.90 11.81
N SER A 610 3.48 -9.59 11.16
CA SER A 610 2.39 -8.87 10.51
C SER A 610 1.24 -8.76 11.51
N ILE A 611 0.32 -7.85 11.24
CA ILE A 611 -0.77 -7.58 12.18
C ILE A 611 -2.13 -7.75 11.52
N ALA A 612 -2.94 -8.63 12.09
CA ALA A 612 -4.27 -8.90 11.56
C ALA A 612 -5.31 -8.21 12.43
N ALA A 613 -6.22 -7.48 11.80
CA ALA A 613 -7.27 -6.75 12.53
C ALA A 613 -8.62 -6.99 11.89
N VAL A 614 -9.61 -7.30 12.72
CA VAL A 614 -10.98 -7.51 12.27
C VAL A 614 -11.95 -6.78 13.19
N VAL A 615 -12.82 -5.97 12.60
CA VAL A 615 -13.84 -5.25 13.34
C VAL A 615 -15.23 -5.69 12.90
N GLY A 616 -16.21 -5.56 13.79
CA GLY A 616 -17.57 -5.92 13.45
C GLY A 616 -18.57 -4.94 14.02
N SER A 617 -19.58 -4.62 13.22
CA SER A 617 -20.63 -3.72 13.63
C SER A 617 -21.40 -4.30 14.81
N MET A 618 -21.90 -3.43 15.67
CA MET A 618 -22.55 -3.87 16.91
C MET A 618 -23.95 -3.26 17.06
N ASP A 619 -24.47 -2.70 15.98
CA ASP A 619 -25.84 -2.21 15.98
C ASP A 619 -26.44 -2.28 14.58
N ALA A 620 -27.64 -1.75 14.41
CA ALA A 620 -28.38 -1.87 13.16
C ALA A 620 -28.25 -0.65 12.25
N HIS A 621 -27.56 0.39 12.72
CA HIS A 621 -27.51 1.65 11.99
C HIS A 621 -26.83 1.59 10.61
N PRO A 622 -25.61 1.03 10.50
CA PRO A 622 -24.65 0.53 11.48
C PRO A 622 -23.63 1.61 11.86
N ASN A 623 -23.37 1.77 13.16
CA ASN A 623 -22.45 2.81 13.61
C ASN A 623 -21.36 2.31 14.59
N ARG A 624 -21.77 1.69 15.68
CA ARG A 624 -20.83 1.17 16.66
C ARG A 624 -20.11 -0.09 16.17
N TYR A 625 -18.80 -0.15 16.41
CA TYR A 625 -18.00 -1.30 16.02
C TYR A 625 -17.15 -1.80 17.19
N CYS A 626 -16.90 -3.11 17.25
CA CYS A 626 -15.91 -3.65 18.19
C CYS A 626 -14.75 -4.22 17.41
N ALA A 627 -13.61 -4.38 18.09
CA ALA A 627 -12.36 -4.73 17.42
C ALA A 627 -11.70 -5.98 17.97
N THR A 628 -10.99 -6.68 17.08
CA THR A 628 -10.16 -7.81 17.44
C THR A 628 -8.86 -7.65 16.66
N VAL A 629 -7.76 -8.09 17.26
CA VAL A 629 -6.45 -7.89 16.66
C VAL A 629 -5.52 -9.03 17.09
N ARG A 630 -4.61 -9.41 16.21
CA ARG A 630 -3.66 -10.48 16.49
C ARG A 630 -2.33 -10.14 15.84
N VAL A 631 -1.23 -10.56 16.46
CA VAL A 631 0.03 -10.58 15.75
C VAL A 631 0.14 -11.95 15.11
N GLN A 632 0.73 -12.01 13.92
CA GLN A 632 0.92 -13.29 13.26
C GLN A 632 2.20 -13.28 12.45
N GLN A 633 2.48 -14.41 11.80
CA GLN A 633 3.74 -14.64 11.11
C GLN A 633 4.13 -13.48 10.18
N HIS A 634 5.42 -13.17 10.18
CA HIS A 634 6.00 -12.15 9.31
C HIS A 634 5.57 -12.26 7.85
N ARG A 635 4.94 -11.20 7.36
CA ARG A 635 4.48 -11.10 5.97
C ARG A 635 3.48 -12.15 5.52
N GLN A 636 2.71 -12.71 6.45
CA GLN A 636 1.60 -13.57 6.07
C GLN A 636 0.33 -12.75 5.91
N GLU A 637 -0.30 -12.86 4.74
CA GLU A 637 -1.53 -12.14 4.45
C GLU A 637 -2.77 -12.86 4.98
N ILE A 638 -2.77 -14.18 4.85
CA ILE A 638 -3.87 -14.99 5.36
C ILE A 638 -4.03 -14.79 6.88
N ILE A 639 -5.21 -14.34 7.29
CA ILE A 639 -5.46 -14.11 8.71
C ILE A 639 -5.56 -15.44 9.44
N GLN A 640 -4.54 -15.73 10.24
CA GLN A 640 -4.35 -17.05 10.81
C GLN A 640 -5.46 -17.42 11.80
N ASP A 641 -5.81 -16.46 12.65
CA ASP A 641 -6.70 -16.74 13.79
C ASP A 641 -8.13 -16.21 13.55
N LEU A 642 -8.52 -16.10 12.29
CA LEU A 642 -9.81 -15.51 11.93
C LEU A 642 -11.05 -16.07 12.64
N ALA A 643 -11.15 -17.40 12.73
CA ALA A 643 -12.33 -18.03 13.35
C ALA A 643 -12.58 -17.59 14.80
N ALA A 644 -11.52 -17.50 15.59
CA ALA A 644 -11.62 -17.04 16.97
C ALA A 644 -12.05 -15.56 17.06
N MET A 645 -11.47 -14.75 16.18
CA MET A 645 -11.80 -13.32 16.09
C MET A 645 -13.29 -13.10 15.75
N VAL A 646 -13.75 -13.75 14.67
CA VAL A 646 -15.14 -13.68 14.24
C VAL A 646 -16.07 -14.23 15.31
N ARG A 647 -15.68 -15.32 15.96
CA ARG A 647 -16.47 -15.85 17.08
C ARG A 647 -16.69 -14.79 18.16
N GLU A 648 -15.59 -14.14 18.57
CA GLU A 648 -15.68 -13.04 19.53
C GLU A 648 -16.67 -11.99 19.05
N LEU A 649 -16.46 -11.50 17.83
CA LEU A 649 -17.31 -10.44 17.29
C LEU A 649 -18.80 -10.83 17.24
N LEU A 650 -19.08 -12.07 16.89
CA LEU A 650 -20.45 -12.58 16.85
C LEU A 650 -21.08 -12.57 18.24
N ILE A 651 -20.31 -13.04 19.22
CA ILE A 651 -20.75 -13.01 20.61
C ILE A 651 -21.08 -11.58 21.08
N GLN A 652 -20.13 -10.68 20.87
CA GLN A 652 -20.35 -9.28 21.23
C GLN A 652 -21.55 -8.67 20.50
N PHE A 653 -21.75 -9.06 19.23
CA PHE A 653 -22.89 -8.59 18.43
C PHE A 653 -24.17 -9.03 19.09
N TYR A 654 -24.22 -10.27 19.55
CA TYR A 654 -25.43 -10.77 20.17
C TYR A 654 -25.69 -10.07 21.51
N LYS A 655 -24.62 -9.79 22.25
CA LYS A 655 -24.79 -9.11 23.52
C LYS A 655 -25.30 -7.68 23.32
N SER A 656 -24.85 -7.03 22.26
CA SER A 656 -25.26 -5.66 21.97
C SER A 656 -26.66 -5.56 21.37
N THR A 657 -27.00 -6.46 20.44
CA THR A 657 -28.24 -6.32 19.67
C THR A 657 -29.35 -7.29 20.05
N ARG A 658 -28.98 -8.37 20.74
CA ARG A 658 -29.90 -9.48 21.04
C ARG A 658 -30.40 -10.20 19.80
N PHE A 659 -29.69 -9.99 18.69
CA PHE A 659 -29.97 -10.69 17.43
C PHE A 659 -28.78 -11.58 17.08
N LYS A 660 -29.07 -12.67 16.38
CA LYS A 660 -28.04 -13.43 15.68
C LYS A 660 -28.08 -13.03 14.22
N PRO A 661 -26.94 -12.62 13.65
CA PRO A 661 -26.91 -12.22 12.24
C PRO A 661 -27.39 -13.35 11.33
N THR A 662 -28.31 -13.03 10.42
CA THR A 662 -28.69 -13.98 9.38
C THR A 662 -27.70 -13.86 8.23
N ARG A 663 -26.94 -12.76 8.23
CA ARG A 663 -26.00 -12.46 7.16
C ARG A 663 -24.71 -11.84 7.70
N ILE A 664 -23.60 -12.25 7.11
CA ILE A 664 -22.29 -11.72 7.43
C ILE A 664 -21.68 -11.10 6.18
N ILE A 665 -21.46 -9.79 6.21
CA ILE A 665 -20.84 -9.10 5.08
C ILE A 665 -19.39 -8.81 5.46
N PHE A 666 -18.45 -9.35 4.70
CA PHE A 666 -17.03 -9.34 5.05
C PHE A 666 -16.22 -8.55 4.02
N TYR A 667 -15.86 -7.31 4.36
CA TYR A 667 -14.97 -6.52 3.53
C TYR A 667 -13.52 -6.77 3.94
N ARG A 668 -12.75 -7.30 3.00
CA ARG A 668 -11.38 -7.78 3.23
C ARG A 668 -10.36 -6.94 2.45
N ASP A 669 -9.64 -6.06 3.16
CA ASP A 669 -8.71 -5.15 2.50
C ASP A 669 -7.39 -5.79 2.07
N GLY A 670 -6.97 -5.43 0.85
CA GLY A 670 -5.61 -5.61 0.41
C GLY A 670 -5.15 -7.00 0.02
N VAL A 671 -6.04 -7.79 -0.55
CA VAL A 671 -5.62 -9.06 -1.12
C VAL A 671 -5.52 -8.91 -2.64
N SER A 672 -4.34 -9.21 -3.18
CA SER A 672 -4.15 -9.16 -4.62
C SER A 672 -4.72 -10.42 -5.24
N GLU A 673 -4.93 -10.38 -6.56
CA GLU A 673 -5.57 -11.47 -7.29
C GLU A 673 -4.89 -12.81 -7.09
N GLY A 674 -3.56 -12.82 -7.16
CA GLY A 674 -2.79 -14.05 -7.06
C GLY A 674 -2.98 -14.78 -5.75
N GLN A 675 -3.66 -14.15 -4.78
CA GLN A 675 -3.90 -14.75 -3.48
C GLN A 675 -5.38 -15.00 -3.21
N PHE A 676 -6.23 -14.60 -4.14
CA PHE A 676 -7.67 -14.74 -4.00
C PHE A 676 -8.08 -16.13 -3.52
N GLN A 677 -7.62 -17.16 -4.24
CA GLN A 677 -7.98 -18.53 -3.91
C GLN A 677 -7.42 -18.91 -2.54
N GLN A 678 -6.18 -18.50 -2.29
CA GLN A 678 -5.50 -18.81 -1.05
C GLN A 678 -6.25 -18.25 0.15
N VAL A 679 -6.49 -16.95 0.13
CA VAL A 679 -7.19 -16.26 1.19
C VAL A 679 -8.62 -16.76 1.40
N LEU A 680 -9.41 -16.74 0.32
CA LEU A 680 -10.81 -17.17 0.38
C LEU A 680 -10.97 -18.57 0.96
N HIS A 681 -10.10 -19.48 0.56
CA HIS A 681 -10.13 -20.83 1.10
C HIS A 681 -9.97 -20.86 2.62
N HIS A 682 -9.02 -20.10 3.15
CA HIS A 682 -8.80 -20.17 4.59
C HIS A 682 -9.84 -19.37 5.37
N GLU A 683 -10.13 -18.16 4.89
CA GLU A 683 -10.91 -17.22 5.68
C GLU A 683 -12.41 -17.49 5.66
N LEU A 684 -12.96 -17.81 4.48
CA LEU A 684 -14.37 -18.19 4.38
C LEU A 684 -14.66 -19.35 5.32
N LEU A 685 -13.87 -20.41 5.21
CA LEU A 685 -13.99 -21.55 6.13
C LEU A 685 -13.88 -21.11 7.60
N ALA A 686 -12.94 -20.21 7.88
CA ALA A 686 -12.77 -19.75 9.25
C ALA A 686 -14.10 -19.14 9.72
N ILE A 687 -14.70 -18.34 8.84
CA ILE A 687 -15.96 -17.70 9.18
C ILE A 687 -17.00 -18.77 9.48
N ARG A 688 -17.10 -19.76 8.59
CA ARG A 688 -18.05 -20.85 8.81
C ARG A 688 -17.76 -21.56 10.12
N GLU A 689 -16.48 -21.77 10.41
CA GLU A 689 -16.10 -22.52 11.60
C GLU A 689 -16.64 -21.76 12.81
N ALA A 690 -16.43 -20.45 12.80
CA ALA A 690 -16.84 -19.63 13.91
C ALA A 690 -18.33 -19.78 14.12
N CYS A 691 -19.09 -19.86 13.02
CA CYS A 691 -20.53 -20.08 13.12
C CYS A 691 -20.84 -21.45 13.67
N ILE A 692 -20.21 -22.47 13.09
CA ILE A 692 -20.52 -23.87 13.43
C ILE A 692 -20.26 -24.16 14.90
N LYS A 693 -19.10 -23.72 15.38
CA LYS A 693 -18.73 -23.96 16.77
C LYS A 693 -19.54 -23.11 17.73
N LEU A 694 -20.19 -22.07 17.22
CA LEU A 694 -20.93 -21.17 18.11
C LEU A 694 -22.31 -21.74 18.42
N GLU A 695 -22.89 -22.40 17.43
CA GLU A 695 -24.25 -22.93 17.52
C GLU A 695 -24.49 -23.74 16.26
N LYS A 696 -25.21 -24.85 16.39
CA LYS A 696 -25.63 -25.60 15.22
C LYS A 696 -27.15 -25.67 15.23
N ASP A 697 -27.77 -25.54 14.07
CA ASP A 697 -27.06 -25.33 12.82
C ASP A 697 -27.10 -23.86 12.43
N TYR A 698 -26.23 -23.06 13.04
CA TYR A 698 -26.16 -21.65 12.72
C TYR A 698 -25.39 -21.47 11.41
N GLN A 699 -26.12 -21.11 10.35
CA GLN A 699 -25.55 -21.00 9.00
C GLN A 699 -25.97 -19.72 8.31
N PRO A 700 -25.43 -18.58 8.77
CA PRO A 700 -25.77 -17.32 8.10
C PRO A 700 -25.09 -17.22 6.72
N GLY A 701 -25.77 -16.60 5.77
CA GLY A 701 -25.17 -16.35 4.47
C GLY A 701 -23.98 -15.40 4.53
N ILE A 702 -22.88 -15.80 3.89
CA ILE A 702 -21.65 -15.02 3.90
C ILE A 702 -21.44 -14.34 2.55
N THR A 703 -21.10 -13.06 2.59
CA THR A 703 -20.65 -12.36 1.39
C THR A 703 -19.21 -11.89 1.62
N PHE A 704 -18.29 -12.37 0.80
CA PHE A 704 -16.86 -12.09 0.92
C PHE A 704 -16.42 -11.15 -0.19
N ILE A 705 -16.01 -9.95 0.19
CA ILE A 705 -15.67 -8.90 -0.75
C ILE A 705 -14.23 -8.43 -0.55
N VAL A 706 -13.39 -8.58 -1.55
CA VAL A 706 -12.04 -8.03 -1.45
C VAL A 706 -12.00 -6.55 -1.87
N VAL A 707 -11.43 -5.71 -1.01
CA VAL A 707 -11.30 -4.28 -1.27
C VAL A 707 -9.87 -3.96 -1.68
N GLN A 708 -9.71 -3.35 -2.85
CA GLN A 708 -8.37 -3.05 -3.37
C GLN A 708 -8.27 -1.57 -3.70
N LYS A 709 -7.38 -0.90 -3.00
CA LYS A 709 -7.16 0.53 -3.16
C LYS A 709 -5.84 0.78 -3.89
N ARG A 710 -5.03 -0.26 -4.01
CA ARG A 710 -3.70 -0.18 -4.59
C ARG A 710 -3.54 -0.94 -5.89
N HIS A 711 -4.38 -0.66 -6.83
CA HIS A 711 -4.23 -1.15 -8.19
C HIS A 711 -3.77 0.03 -9.03
N HIS A 712 -3.75 -0.13 -10.35
CA HIS A 712 -3.32 0.96 -11.23
C HIS A 712 -4.41 1.42 -12.21
N THR A 713 -5.67 1.30 -11.81
CA THR A 713 -6.78 1.76 -12.61
C THR A 713 -7.14 3.20 -12.27
N ARG A 714 -7.07 4.08 -13.26
CA ARG A 714 -7.43 5.48 -13.07
C ARG A 714 -8.64 5.82 -13.95
N LEU A 715 -9.53 6.65 -13.42
CA LEU A 715 -10.71 7.09 -14.17
C LEU A 715 -10.73 8.61 -14.32
N PHE A 716 -11.01 9.08 -15.52
CA PHE A 716 -10.98 10.50 -15.79
C PHE A 716 -12.29 10.96 -16.40
N CYS A 717 -12.68 12.19 -16.11
CA CYS A 717 -13.84 12.77 -16.76
C CYS A 717 -13.52 13.00 -18.23
N THR A 718 -14.36 12.48 -19.12
CA THR A 718 -14.23 12.78 -20.53
C THR A 718 -14.56 14.25 -20.76
N ASP A 719 -15.63 14.71 -20.14
CA ASP A 719 -16.06 16.10 -20.25
C ASP A 719 -15.42 16.95 -19.17
N LYS A 720 -14.84 18.07 -19.59
CA LYS A 720 -14.17 19.01 -18.69
C LYS A 720 -15.08 19.58 -17.60
N ASN A 721 -16.35 19.80 -17.92
CA ASN A 721 -17.28 20.37 -16.96
C ASN A 721 -17.72 19.36 -15.89
N GLU A 722 -17.30 18.11 -16.03
CA GLU A 722 -17.56 17.12 -15.00
C GLU A 722 -16.46 17.11 -13.93
N ARG A 723 -15.29 17.63 -14.27
CA ARG A 723 -14.12 17.65 -13.37
C ARG A 723 -14.44 18.40 -12.09
N VAL A 724 -14.11 17.82 -10.95
CA VAL A 724 -14.49 18.41 -9.68
C VAL A 724 -13.31 19.04 -8.93
N GLY A 725 -13.43 20.32 -8.64
CA GLY A 725 -12.44 21.02 -7.84
C GLY A 725 -11.09 21.23 -8.49
N LYS A 726 -10.12 21.66 -7.68
CA LYS A 726 -8.80 22.02 -8.16
C LYS A 726 -8.07 20.86 -8.84
N SER A 727 -8.30 19.65 -8.33
CA SER A 727 -7.64 18.46 -8.85
C SER A 727 -8.35 17.87 -10.08
N GLY A 728 -9.59 18.30 -10.31
CA GLY A 728 -10.33 17.86 -11.49
C GLY A 728 -10.58 16.36 -11.56
N ASN A 729 -10.99 15.77 -10.46
CA ASN A 729 -11.30 14.35 -10.43
C ASN A 729 -12.78 14.06 -10.69
N ILE A 730 -13.07 12.78 -10.90
CA ILE A 730 -14.45 12.32 -10.99
C ILE A 730 -15.15 12.57 -9.66
N PRO A 731 -16.48 12.77 -9.69
CA PRO A 731 -17.14 13.11 -8.44
C PRO A 731 -17.34 11.87 -7.59
N ALA A 732 -17.47 12.06 -6.28
CA ALA A 732 -17.73 10.93 -5.38
C ALA A 732 -19.02 10.20 -5.80
N GLY A 733 -18.99 8.88 -5.70
CA GLY A 733 -20.12 8.06 -6.09
C GLY A 733 -19.97 7.47 -7.47
N THR A 734 -18.95 7.89 -8.21
CA THR A 734 -18.71 7.31 -9.53
C THR A 734 -18.49 5.80 -9.48
N THR A 735 -19.29 5.07 -10.24
CA THR A 735 -19.27 3.61 -10.22
C THR A 735 -19.09 3.04 -11.62
N VAL A 736 -18.19 2.07 -11.74
CA VAL A 736 -17.97 1.41 -13.03
C VAL A 736 -18.01 -0.12 -12.88
N ASP A 737 -19.01 -0.76 -13.48
CA ASP A 737 -19.08 -2.22 -13.44
C ASP A 737 -19.20 -2.84 -14.85
N THR A 738 -18.74 -2.10 -15.86
CA THR A 738 -18.78 -2.59 -17.24
C THR A 738 -17.47 -2.31 -17.96
N LYS A 739 -17.31 -2.91 -19.14
CA LYS A 739 -16.23 -2.58 -20.07
C LYS A 739 -14.83 -2.97 -19.62
N ILE A 740 -14.38 -2.42 -18.49
CA ILE A 740 -13.02 -2.67 -18.00
C ILE A 740 -13.00 -3.68 -16.84
N THR A 741 -14.16 -4.12 -16.42
CA THR A 741 -14.25 -5.05 -15.30
C THR A 741 -14.12 -6.51 -15.75
N HIS A 742 -14.18 -7.43 -14.80
CA HIS A 742 -13.99 -8.85 -15.08
C HIS A 742 -15.05 -9.43 -16.04
N PRO A 743 -14.62 -10.28 -16.98
CA PRO A 743 -15.51 -10.85 -18.01
C PRO A 743 -16.61 -11.79 -17.50
N THR A 744 -16.41 -12.47 -16.37
CA THR A 744 -17.44 -13.39 -15.86
C THR A 744 -17.76 -13.20 -14.39
N GLU A 745 -16.88 -12.53 -13.65
CA GLU A 745 -17.02 -12.43 -12.21
C GLU A 745 -17.70 -11.15 -11.75
N PHE A 746 -17.92 -11.07 -10.45
CA PHE A 746 -18.69 -10.01 -9.83
C PHE A 746 -17.74 -9.00 -9.21
N ASP A 747 -17.37 -7.97 -9.97
CA ASP A 747 -16.47 -6.94 -9.48
C ASP A 747 -16.85 -5.56 -10.00
N PHE A 748 -16.48 -4.52 -9.26
CA PHE A 748 -16.76 -3.16 -9.69
C PHE A 748 -15.83 -2.13 -9.06
N TYR A 749 -15.62 -1.02 -9.75
CA TYR A 749 -14.96 0.13 -9.15
C TYR A 749 -15.99 1.09 -8.59
N LEU A 750 -15.72 1.58 -7.39
CA LEU A 750 -16.49 2.68 -6.80
C LEU A 750 -15.51 3.70 -6.24
N CYS A 751 -15.58 4.93 -6.76
CA CYS A 751 -14.84 6.03 -6.19
C CYS A 751 -15.77 6.74 -5.26
N SER A 752 -15.71 6.38 -3.98
CA SER A 752 -16.68 6.85 -3.00
C SER A 752 -16.36 8.21 -2.41
N HIS A 753 -15.16 8.72 -2.69
CA HIS A 753 -14.66 9.90 -1.98
C HIS A 753 -14.41 11.08 -2.90
N ALA A 754 -14.41 12.27 -2.31
CA ALA A 754 -14.01 13.49 -2.99
C ALA A 754 -12.51 13.48 -3.22
N GLY A 755 -12.09 13.72 -4.47
CA GLY A 755 -10.68 13.84 -4.77
C GLY A 755 -10.17 15.22 -4.42
N ILE A 756 -9.42 15.33 -3.33
CA ILE A 756 -8.89 16.63 -2.92
C ILE A 756 -7.65 17.03 -3.72
N GLN A 757 -6.73 16.10 -3.89
CA GLN A 757 -5.45 16.42 -4.49
C GLN A 757 -4.98 15.27 -5.38
N GLY A 758 -4.15 15.57 -6.37
CA GLY A 758 -3.62 14.55 -7.27
C GLY A 758 -4.71 13.82 -8.02
N THR A 759 -4.46 12.55 -8.33
CA THR A 759 -5.47 11.74 -9.00
C THR A 759 -6.10 10.72 -8.04
N SER A 760 -7.43 10.73 -7.97
CA SER A 760 -8.17 9.80 -7.14
C SER A 760 -7.86 8.34 -7.45
N ARG A 761 -7.86 7.52 -6.41
CA ARG A 761 -7.80 6.07 -6.54
C ARG A 761 -9.19 5.53 -6.35
N PRO A 762 -9.82 5.05 -7.43
CA PRO A 762 -11.15 4.49 -7.23
C PRO A 762 -11.01 3.10 -6.62
N SER A 763 -11.72 2.82 -5.52
CA SER A 763 -11.58 1.53 -4.87
C SER A 763 -12.20 0.42 -5.71
N HIS A 764 -11.53 -0.72 -5.78
CA HIS A 764 -12.07 -1.86 -6.50
C HIS A 764 -12.59 -2.92 -5.52
N TYR A 765 -13.74 -3.47 -5.84
CA TYR A 765 -14.40 -4.46 -5.01
C TYR A 765 -14.58 -5.73 -5.82
N HIS A 766 -14.12 -6.84 -5.26
CA HIS A 766 -14.22 -8.12 -5.94
C HIS A 766 -14.87 -9.13 -5.02
N VAL A 767 -16.03 -9.62 -5.44
CA VAL A 767 -16.83 -10.53 -4.63
C VAL A 767 -16.35 -11.98 -4.79
N LEU A 768 -15.67 -12.53 -3.79
CA LEU A 768 -15.16 -13.88 -3.91
C LEU A 768 -16.20 -14.94 -3.59
N TRP A 769 -17.25 -14.55 -2.89
CA TRP A 769 -18.28 -15.51 -2.48
C TRP A 769 -19.50 -14.76 -2.01
N ASP A 770 -20.69 -15.26 -2.33
CA ASP A 770 -21.90 -14.58 -1.91
C ASP A 770 -23.11 -15.49 -1.80
N ASP A 771 -23.36 -16.01 -0.59
CA ASP A 771 -24.53 -16.85 -0.33
C ASP A 771 -25.81 -16.02 -0.38
N ASN A 772 -25.65 -14.70 -0.27
CA ASN A 772 -26.80 -13.82 -0.10
C ASN A 772 -27.42 -13.33 -1.40
N ARG A 773 -26.77 -13.66 -2.51
CA ARG A 773 -27.29 -13.39 -3.85
C ARG A 773 -27.65 -11.92 -4.05
N PHE A 774 -26.71 -11.02 -3.76
CA PHE A 774 -26.91 -9.61 -4.00
C PHE A 774 -27.04 -9.31 -5.48
N SER A 775 -27.85 -8.31 -5.81
CA SER A 775 -27.79 -7.71 -7.13
C SER A 775 -26.66 -6.69 -7.09
N SER A 776 -26.11 -6.36 -8.26
CA SER A 776 -25.06 -5.35 -8.35
C SER A 776 -25.51 -4.05 -7.70
N ASP A 777 -26.73 -3.63 -8.00
CA ASP A 777 -27.25 -2.37 -7.48
C ASP A 777 -27.22 -2.34 -5.96
N GLU A 778 -27.80 -3.35 -5.32
CA GLU A 778 -27.86 -3.35 -3.87
C GLU A 778 -26.47 -3.38 -3.22
N LEU A 779 -25.56 -4.17 -3.77
CA LEU A 779 -24.22 -4.29 -3.17
C LEU A 779 -23.40 -3.01 -3.34
N GLN A 780 -23.50 -2.40 -4.52
CA GLN A 780 -22.79 -1.15 -4.80
C GLN A 780 -23.31 -0.02 -3.93
N ILE A 781 -24.63 0.00 -3.75
CA ILE A 781 -25.25 1.04 -2.95
C ILE A 781 -24.93 0.85 -1.47
N LEU A 782 -24.98 -0.38 -1.01
CA LEU A 782 -24.60 -0.72 0.36
C LEU A 782 -23.17 -0.26 0.64
N THR A 783 -22.23 -0.65 -0.23
CA THR A 783 -20.83 -0.27 -0.09
C THR A 783 -20.67 1.25 -0.02
N TYR A 784 -21.34 1.93 -0.95
CA TYR A 784 -21.29 3.38 -0.98
C TYR A 784 -21.78 3.97 0.34
N GLN A 785 -22.93 3.49 0.81
CA GLN A 785 -23.48 3.99 2.07
C GLN A 785 -22.54 3.73 3.25
N LEU A 786 -21.90 2.56 3.28
CA LEU A 786 -20.94 2.28 4.36
C LEU A 786 -19.77 3.26 4.31
N CYS A 787 -19.46 3.79 3.14
CA CYS A 787 -18.40 4.81 3.07
C CYS A 787 -18.81 6.13 3.71
N HIS A 788 -20.07 6.23 4.14
CA HIS A 788 -20.60 7.43 4.78
C HIS A 788 -20.81 7.26 6.28
N THR A 789 -20.44 6.11 6.84
CA THR A 789 -20.66 5.84 8.27
C THR A 789 -19.38 6.04 9.12
N TYR A 790 -18.32 6.52 8.50
CA TYR A 790 -17.02 6.66 9.15
C TYR A 790 -17.00 7.83 10.12
N VAL A 791 -16.82 7.54 11.40
CA VAL A 791 -17.08 8.51 12.46
C VAL A 791 -16.02 9.58 12.67
N ARG A 792 -14.86 9.46 12.01
CA ARG A 792 -13.79 10.42 12.25
C ARG A 792 -13.88 11.69 11.41
N CYS A 793 -14.84 11.74 10.48
CA CYS A 793 -15.03 12.92 9.64
C CYS A 793 -16.40 12.94 8.97
N THR A 794 -16.91 14.14 8.72
CA THR A 794 -18.17 14.28 7.99
C THR A 794 -17.90 14.25 6.49
N ARG A 795 -17.37 13.13 6.02
CA ARG A 795 -17.06 12.95 4.61
C ARG A 795 -17.28 11.50 4.23
N SER A 796 -17.53 11.26 2.95
CA SER A 796 -17.53 9.91 2.43
C SER A 796 -16.07 9.50 2.23
N VAL A 797 -15.67 8.38 2.82
CA VAL A 797 -14.26 7.94 2.72
C VAL A 797 -14.02 6.91 1.60
N SER A 798 -12.75 6.68 1.26
CA SER A 798 -12.39 5.92 0.06
C SER A 798 -12.68 4.43 0.14
N ILE A 799 -12.94 3.92 1.34
CA ILE A 799 -13.31 2.53 1.55
C ILE A 799 -14.40 2.46 2.64
N PRO A 800 -15.15 1.36 2.71
CA PRO A 800 -16.21 1.30 3.71
C PRO A 800 -15.68 1.39 5.14
N ALA A 801 -16.45 1.99 6.05
CA ALA A 801 -16.05 2.17 7.44
C ALA A 801 -15.42 0.95 8.12
N PRO A 802 -16.01 -0.26 7.98
CA PRO A 802 -15.39 -1.42 8.65
C PRO A 802 -13.94 -1.69 8.22
N ALA A 803 -13.66 -1.60 6.93
CA ALA A 803 -12.29 -1.78 6.44
C ALA A 803 -11.37 -0.68 7.01
N TYR A 804 -11.85 0.56 6.99
CA TYR A 804 -11.07 1.67 7.52
C TYR A 804 -10.70 1.43 9.00
N TYR A 805 -11.70 1.02 9.77
CA TYR A 805 -11.51 0.74 11.19
C TYR A 805 -10.49 -0.38 11.37
N ALA A 806 -10.58 -1.42 10.53
CA ALA A 806 -9.59 -2.49 10.56
C ALA A 806 -8.19 -1.89 10.48
N HIS A 807 -8.01 -0.99 9.51
CA HIS A 807 -6.75 -0.27 9.39
C HIS A 807 -6.35 0.47 10.67
N LEU A 808 -7.29 1.19 11.29
CA LEU A 808 -6.96 1.96 12.49
C LEU A 808 -6.53 1.07 13.66
N VAL A 809 -7.16 -0.09 13.75
CA VAL A 809 -6.88 -1.09 14.78
C VAL A 809 -5.48 -1.67 14.60
N ALA A 810 -5.15 -2.03 13.36
CA ALA A 810 -3.80 -2.53 13.06
C ALA A 810 -2.73 -1.48 13.37
N PHE A 811 -3.03 -0.22 13.01
CA PHE A 811 -2.14 0.91 13.24
C PHE A 811 -1.86 1.09 14.74
N ARG A 812 -2.93 1.06 15.54
CA ARG A 812 -2.82 1.16 16.99
C ARG A 812 -2.01 0.01 17.57
N ALA A 813 -2.27 -1.21 17.08
CA ALA A 813 -1.47 -2.37 17.51
C ALA A 813 0.01 -2.13 17.23
N ARG A 814 0.29 -1.57 16.06
CA ARG A 814 1.66 -1.29 15.67
C ARG A 814 2.29 -0.31 16.68
N TYR A 815 1.49 0.64 17.16
CA TYR A 815 1.96 1.53 18.23
C TYR A 815 2.20 0.81 19.56
N HIS A 816 1.36 -0.18 19.88
CA HIS A 816 1.55 -0.97 21.09
C HIS A 816 2.84 -1.81 21.01
N LEU A 817 3.35 -2.01 19.79
CA LEU A 817 4.48 -2.89 19.56
C LEU A 817 5.80 -2.18 19.30
N VAL A 818 5.78 -0.84 19.26
CA VAL A 818 6.98 -0.07 18.94
C VAL A 818 8.18 -0.47 19.83
N ASP A 819 9.29 -0.81 19.17
CA ASP A 819 10.51 -1.28 19.81
C ASP A 819 10.36 -2.59 20.59
N LYS A 820 9.24 -3.26 20.44
CA LYS A 820 9.07 -4.58 20.98
C LYS A 820 9.15 -5.62 19.88
N GLU A 821 9.39 -5.15 18.68
CA GLU A 821 9.39 -5.91 17.42
C GLU A 821 8.02 -5.86 16.75
N GLY A 836 6.44 -18.38 20.76
CA GLY A 836 5.48 -18.64 21.83
C GLY A 836 5.81 -17.94 23.13
N ARG A 837 7.10 -17.93 23.45
CA ARG A 837 7.66 -17.13 24.52
C ARG A 837 7.54 -15.76 23.93
N ASP A 838 8.36 -15.56 22.89
CA ASP A 838 8.33 -14.40 22.00
C ASP A 838 6.95 -14.16 21.46
N HIS A 839 6.43 -15.11 20.70
CA HIS A 839 5.13 -14.79 20.21
C HIS A 839 4.16 -14.43 21.26
N GLN A 840 4.31 -14.96 22.44
CA GLN A 840 3.38 -14.67 23.51
C GLN A 840 3.56 -13.26 24.03
N ALA A 841 4.79 -12.79 23.97
CA ALA A 841 5.11 -11.48 24.44
C ALA A 841 4.52 -10.45 23.52
N LEU A 842 4.54 -10.72 22.24
CA LEU A 842 4.02 -9.81 21.27
C LEU A 842 2.51 -9.82 21.28
N ALA A 843 1.93 -10.97 21.52
CA ALA A 843 0.49 -11.14 21.60
C ALA A 843 -0.03 -10.37 22.81
N LYS A 844 0.75 -10.40 23.89
CA LYS A 844 0.43 -9.67 25.11
C LYS A 844 0.45 -8.17 24.84
N ALA A 845 1.43 -7.72 24.05
CA ALA A 845 1.58 -6.31 23.72
C ALA A 845 0.33 -5.66 23.13
N VAL A 846 -0.37 -6.39 22.27
CA VAL A 846 -1.51 -5.85 21.52
C VAL A 846 -2.86 -6.24 22.11
N GLN A 847 -2.83 -6.93 23.24
CA GLN A 847 -4.05 -7.32 23.95
C GLN A 847 -4.58 -6.15 24.78
N VAL A 848 -5.76 -5.64 24.44
CA VAL A 848 -6.31 -4.53 25.20
C VAL A 848 -6.89 -4.97 26.54
N HIS A 849 -7.00 -4.01 27.46
CA HIS A 849 -7.58 -4.24 28.78
C HIS A 849 -9.03 -4.70 28.63
N GLN A 850 -9.55 -5.37 29.65
CA GLN A 850 -10.93 -5.84 29.64
C GLN A 850 -11.93 -4.70 29.40
N ASP A 851 -11.70 -3.56 30.04
CA ASP A 851 -12.60 -2.41 29.89
C ASP A 851 -12.49 -1.74 28.52
N THR A 852 -11.45 -2.06 27.77
CA THR A 852 -11.22 -1.47 26.46
C THR A 852 -11.83 -2.32 25.35
N LEU A 853 -12.00 -3.60 25.62
CA LEU A 853 -12.51 -4.59 24.65
C LEU A 853 -13.77 -4.18 23.88
N ARG A 854 -14.74 -3.60 24.57
CA ARG A 854 -16.02 -3.27 23.94
C ARG A 854 -16.08 -1.86 23.37
N THR A 855 -14.93 -1.20 23.26
CA THR A 855 -14.90 0.22 22.90
C THR A 855 -14.34 0.46 21.50
N MET A 856 -14.52 1.69 21.02
CA MET A 856 -13.85 2.15 19.81
C MET A 856 -12.62 3.00 20.16
N TYR A 857 -11.68 2.37 20.86
CA TYR A 857 -10.44 3.00 21.33
C TYR A 857 -9.56 3.38 20.14
N PHE A 858 -9.85 2.78 19.00
CA PHE A 858 -9.05 2.97 17.79
C PHE A 858 -9.40 4.25 17.02
N ALA A 859 -10.47 4.94 17.40
CA ALA A 859 -10.87 6.14 16.69
C ALA A 859 -9.87 7.28 16.88
#